data_6MOL
#
_entry.id   6MOL
#
_cell.length_a   168.109
_cell.length_b   168.109
_cell.length_c   78.029
_cell.angle_alpha   90.00
_cell.angle_beta   90.00
_cell.angle_gamma   120.00
#
_symmetry.space_group_name_H-M   'P 63'
#
loop_
_entity.id
_entity.type
_entity.pdbx_description
1 polymer 'Monoextended DARPin R12 (M_R12)'
2 polymer 'Erythropoietin receptor'
3 non-polymer GLYCEROL
4 water water
#
loop_
_entity_poly.entity_id
_entity_poly.type
_entity_poly.pdbx_seq_one_letter_code
_entity_poly.pdbx_strand_id
1 'polypeptide(L)'
;MGSDLGKKLLKAARAGQDDEVRILMANGADVNATDIWDATPLHLAALIGHLEIVEVLLKNGADVNASDITGTTPLHLAAT
MGHLEIVEVLLKYGADVNAYDLNGATPLHLAARMGHVEIVEVLLKYGADVNAQDAAGGTPLHEAARAGHLEIVEVLLKYG
ADVNAVDAAGGTPLHEAARAGHLEIVEVLLKYGADVNAVDAAGGTPLHEAARAGHLEIVEVLLKYGADVNAVDAAGGTPL
HEAARAGHLEIVEVLLKYGADVNAVDAAGGTPLHEAARAGHLEIVEVLLKYGADVNAVGTPLHKAARAGHLEIVEVLLKY
GADVNATDIWDATPLHLAALIGHLEIVEVLLKNGADVNASDITGTTPLHLAATMGHLEIVEVLLKYGADVNAYDLNGATP
LHLAARMGHVEIVEVLLKYGADVNAQDKFGKTAFDISIDNGNEDLAEILQAAALEHHHHHH
;
A
2 'polypeptide(L)'
;FAGSADPKFESKAALLAARGPEELLCFTERLEDLVCFWEEAASAGVGPGQYSFSYQLEDEPWKLCRLHQAPTARGAVRFW
CSLPTADTSSFVPLELRVTAASGAPRYHRVIHINEVVLLDAPVGLVARLADESGHVVLRWLPPPETPMTSHIRYEVDVSA
GQGAGSVQRVEILEGRTECVLSNLRGRTRYTFAVRARMAEPSFGGFWSAWSEPVSLLTPSDLDKEKAAA
;
B,C
#
loop_
_chem_comp.id
_chem_comp.type
_chem_comp.name
_chem_comp.formula
GOL non-polymer GLYCEROL 'C3 H8 O3'
#
# COMPACT_ATOMS: atom_id res chain seq x y z
N ASP A 4 11.24 24.67 39.95
CA ASP A 4 12.57 24.05 39.94
C ASP A 4 12.52 22.66 40.59
N LEU A 5 12.00 22.60 41.82
CA LEU A 5 11.91 21.33 42.52
C LEU A 5 10.76 20.48 42.00
N GLY A 6 9.69 21.10 41.50
CA GLY A 6 8.57 20.34 40.96
C GLY A 6 8.92 19.64 39.68
N LYS A 7 9.64 20.32 38.78
CA LYS A 7 10.09 19.69 37.54
C LYS A 7 11.11 18.58 37.79
N LYS A 8 11.82 18.63 38.92
CA LYS A 8 12.76 17.56 39.26
C LYS A 8 12.04 16.30 39.73
N LEU A 9 10.80 16.44 40.20
CA LEU A 9 10.04 15.28 40.66
C LEU A 9 9.42 14.51 39.49
N LEU A 10 8.78 15.22 38.56
CA LEU A 10 8.18 14.57 37.41
C LEU A 10 9.22 13.93 36.51
N LYS A 11 10.42 14.52 36.45
CA LYS A 11 11.50 13.91 35.68
C LYS A 11 11.99 12.62 36.35
N ALA A 12 11.98 12.60 37.69
CA ALA A 12 12.37 11.40 38.41
C ALA A 12 11.26 10.34 38.41
N ALA A 13 10.01 10.79 38.52
CA ALA A 13 8.89 9.84 38.47
C ALA A 13 8.79 9.18 37.11
N ARG A 14 9.22 9.88 36.05
CA ARG A 14 9.21 9.26 34.73
C ARG A 14 10.33 8.24 34.58
N ALA A 15 11.47 8.49 35.22
CA ALA A 15 12.58 7.53 35.21
C ALA A 15 12.42 6.42 36.25
N GLY A 16 11.49 6.57 37.19
CA GLY A 16 11.17 5.49 38.11
C GLY A 16 12.22 5.21 39.16
N GLN A 17 12.93 6.23 39.64
CA GLN A 17 13.88 6.07 40.74
C GLN A 17 13.11 6.20 42.04
N ASP A 18 12.64 5.05 42.56
CA ASP A 18 11.81 5.06 43.76
C ASP A 18 12.52 5.68 44.95
N ASP A 19 13.79 5.32 45.17
CA ASP A 19 14.52 5.87 46.30
C ASP A 19 14.79 7.35 46.12
N GLU A 20 15.05 7.78 44.87
CA GLU A 20 15.28 9.19 44.61
C GLU A 20 14.01 10.01 44.77
N VAL A 21 12.86 9.47 44.33
CA VAL A 21 11.60 10.22 44.39
C VAL A 21 11.21 10.50 45.83
N ARG A 22 11.33 9.50 46.70
CA ARG A 22 10.98 9.66 48.11
C ARG A 22 11.80 10.76 48.79
N ILE A 23 12.99 11.05 48.27
CA ILE A 23 13.80 12.14 48.82
C ILE A 23 13.22 13.49 48.39
N LEU A 24 12.76 13.59 47.15
CA LEU A 24 12.20 14.84 46.66
C LEU A 24 10.87 15.15 47.34
N MET A 25 10.05 14.12 47.59
CA MET A 25 8.74 14.35 48.18
C MET A 25 8.85 14.85 49.62
N ALA A 26 9.96 14.56 50.30
CA ALA A 26 10.15 15.00 51.67
C ALA A 26 10.92 16.31 51.77
N ASN A 27 11.76 16.63 50.77
CA ASN A 27 12.50 17.88 50.81
C ASN A 27 11.58 19.07 50.57
N GLY A 28 10.55 18.91 49.74
CA GLY A 28 9.62 19.99 49.50
C GLY A 28 9.23 20.17 48.05
N ALA A 29 9.14 19.05 47.31
CA ALA A 29 8.72 19.10 45.92
C ALA A 29 7.21 18.96 45.83
N ASP A 30 6.61 19.72 44.91
CA ASP A 30 5.16 19.71 44.75
C ASP A 30 4.72 18.38 44.13
N VAL A 31 3.77 17.71 44.79
CA VAL A 31 3.37 16.37 44.37
C VAL A 31 2.58 16.42 43.07
N ASN A 32 1.90 17.54 42.83
CA ASN A 32 1.03 17.71 41.67
C ASN A 32 1.55 18.87 40.83
N ALA A 33 2.77 18.72 40.31
CA ALA A 33 3.38 19.73 39.46
C ALA A 33 2.88 19.59 38.03
N THR A 34 2.68 20.74 37.36
CA THR A 34 2.15 20.76 36.02
C THR A 34 3.26 20.58 34.99
N ASP A 35 3.06 19.63 34.08
CA ASP A 35 3.96 19.41 32.96
C ASP A 35 3.66 20.40 31.84
N ILE A 36 4.49 20.38 30.79
CA ILE A 36 4.21 21.16 29.60
C ILE A 36 2.88 20.75 29.00
N TRP A 37 2.57 19.44 29.06
CA TRP A 37 1.26 18.93 28.68
C TRP A 37 0.34 18.75 29.88
N ASP A 38 0.69 19.37 31.02
CA ASP A 38 -0.16 19.38 32.22
C ASP A 38 -0.36 17.97 32.79
N ALA A 39 0.68 17.15 32.75
CA ALA A 39 0.65 15.80 33.30
C ALA A 39 1.35 15.81 34.66
N THR A 40 0.61 15.43 35.71
CA THR A 40 1.17 15.39 37.04
C THR A 40 2.13 14.21 37.17
N PRO A 41 3.04 14.25 38.16
CA PRO A 41 3.92 13.10 38.39
C PRO A 41 3.18 11.80 38.68
N LEU A 42 1.93 11.88 39.13
CA LEU A 42 1.15 10.66 39.31
C LEU A 42 0.80 10.01 37.97
N HIS A 43 0.62 10.81 36.92
CA HIS A 43 0.39 10.25 35.59
C HIS A 43 1.59 9.42 35.13
N LEU A 44 2.78 10.00 35.20
CA LEU A 44 3.97 9.31 34.71
C LEU A 44 4.26 8.06 35.52
N ALA A 45 3.91 8.06 36.81
CA ALA A 45 4.13 6.88 37.63
C ALA A 45 3.17 5.75 37.26
N ALA A 46 1.91 6.10 36.98
CA ALA A 46 0.94 5.08 36.61
C ALA A 46 1.19 4.52 35.21
N LEU A 47 1.89 5.27 34.36
CA LEU A 47 2.18 4.78 33.01
C LEU A 47 3.29 3.73 33.03
N ILE A 48 4.41 4.05 33.68
CA ILE A 48 5.52 3.11 33.72
C ILE A 48 5.21 1.88 34.56
N GLY A 49 4.22 1.96 35.43
CA GLY A 49 3.83 0.82 36.23
C GLY A 49 4.61 0.63 37.51
N HIS A 50 5.13 1.70 38.09
CA HIS A 50 5.90 1.61 39.34
C HIS A 50 4.91 1.61 40.50
N LEU A 51 4.56 0.42 40.97
CA LEU A 51 3.56 0.30 42.03
C LEU A 51 4.03 0.98 43.32
N GLU A 52 5.34 0.97 43.59
CA GLU A 52 5.84 1.55 44.83
C GLU A 52 5.76 3.07 44.80
N ILE A 53 5.97 3.68 43.63
CA ILE A 53 5.86 5.13 43.52
C ILE A 53 4.40 5.56 43.51
N VAL A 54 3.51 4.75 42.91
CA VAL A 54 2.10 5.11 42.85
C VAL A 54 1.48 5.15 44.25
N GLU A 55 1.86 4.21 45.10
CA GLU A 55 1.27 4.15 46.44
C GLU A 55 1.76 5.29 47.33
N VAL A 56 3.05 5.63 47.24
CA VAL A 56 3.57 6.69 48.10
C VAL A 56 3.11 8.06 47.65
N LEU A 57 2.73 8.22 46.38
CA LEU A 57 2.17 9.50 45.93
C LEU A 57 0.76 9.70 46.47
N LEU A 58 -0.08 8.66 46.42
CA LEU A 58 -1.45 8.77 46.90
C LEU A 58 -1.49 8.84 48.42
N LYS A 59 -0.62 8.11 49.10
CA LYS A 59 -0.60 8.13 50.56
C LYS A 59 -0.11 9.47 51.11
N ASN A 60 0.77 10.15 50.37
CA ASN A 60 1.28 11.44 50.77
C ASN A 60 0.53 12.59 50.12
N GLY A 61 -0.69 12.35 49.65
CA GLY A 61 -1.49 13.39 49.04
C GLY A 61 -1.14 13.66 47.60
N ALA A 62 -2.06 13.32 46.69
CA ALA A 62 -1.85 13.57 45.27
C ALA A 62 -3.21 13.68 44.59
N ASP A 63 -3.21 14.30 43.41
CA ASP A 63 -4.43 14.49 42.63
C ASP A 63 -4.72 13.19 41.88
N VAL A 64 -5.67 12.40 42.40
CA VAL A 64 -6.01 11.13 41.78
C VAL A 64 -6.91 11.33 40.56
N ASN A 65 -7.69 12.40 40.53
CA ASN A 65 -8.56 12.72 39.40
C ASN A 65 -7.99 13.84 38.56
N ALA A 66 -6.68 13.83 38.31
CA ALA A 66 -6.04 14.90 37.55
C ALA A 66 -6.35 14.76 36.07
N SER A 67 -6.52 15.90 35.41
CA SER A 67 -6.83 15.98 33.99
C SER A 67 -5.75 16.77 33.29
N ASP A 68 -5.10 16.15 32.30
CA ASP A 68 -4.03 16.82 31.56
C ASP A 68 -4.61 17.56 30.36
N ILE A 69 -3.74 18.05 29.48
CA ILE A 69 -4.19 18.84 28.33
C ILE A 69 -4.99 18.00 27.35
N THR A 70 -4.86 16.68 27.40
CA THR A 70 -5.64 15.80 26.53
C THR A 70 -6.85 15.20 27.24
N GLY A 71 -7.01 15.44 28.54
CA GLY A 71 -8.12 14.88 29.29
C GLY A 71 -7.85 13.54 29.92
N THR A 72 -6.64 12.99 29.75
CA THR A 72 -6.32 11.68 30.29
C THR A 72 -6.07 11.76 31.79
N THR A 73 -6.66 10.83 32.54
CA THR A 73 -6.55 10.73 33.98
C THR A 73 -5.58 9.63 34.38
N PRO A 74 -5.07 9.64 35.62
CA PRO A 74 -4.17 8.55 36.03
C PRO A 74 -4.79 7.17 35.94
N LEU A 75 -6.09 7.05 36.20
CA LEU A 75 -6.76 5.77 36.05
C LEU A 75 -6.84 5.35 34.58
N HIS A 76 -6.94 6.33 33.68
CA HIS A 76 -6.96 6.02 32.25
C HIS A 76 -5.65 5.38 31.80
N LEU A 77 -4.52 5.95 32.24
CA LEU A 77 -3.23 5.40 31.85
C LEU A 77 -3.03 3.99 32.38
N ALA A 78 -3.41 3.75 33.64
CA ALA A 78 -3.26 2.42 34.21
C ALA A 78 -4.17 1.41 33.53
N ALA A 79 -5.34 1.83 33.06
CA ALA A 79 -6.23 0.92 32.36
C ALA A 79 -5.78 0.66 30.94
N THR A 80 -5.13 1.63 30.30
CA THR A 80 -4.64 1.43 28.94
C THR A 80 -3.44 0.48 28.92
N MET A 81 -2.49 0.69 29.82
CA MET A 81 -1.31 -0.16 29.86
C MET A 81 -1.64 -1.56 30.37
N GLY A 82 -2.45 -1.65 31.41
CA GLY A 82 -2.84 -2.93 31.95
C GLY A 82 -2.09 -3.31 33.22
N HIS A 83 -1.99 -2.36 34.15
CA HIS A 83 -1.33 -2.58 35.44
C HIS A 83 -2.41 -2.80 36.49
N LEU A 84 -2.78 -4.07 36.68
CA LEU A 84 -3.83 -4.40 37.64
C LEU A 84 -3.44 -4.00 39.06
N GLU A 85 -2.15 -4.08 39.40
CA GLU A 85 -1.71 -3.68 40.73
C GLU A 85 -1.88 -2.18 40.94
N ILE A 86 -1.66 -1.38 39.89
CA ILE A 86 -1.83 0.06 40.02
C ILE A 86 -3.30 0.46 39.90
N VAL A 87 -4.07 -0.26 39.09
CA VAL A 87 -5.50 0.05 38.94
C VAL A 87 -6.22 -0.10 40.26
N GLU A 88 -5.96 -1.21 40.98
CA GLU A 88 -6.62 -1.45 42.26
C GLU A 88 -6.19 -0.44 43.31
N VAL A 89 -4.97 0.09 43.21
CA VAL A 89 -4.51 1.09 44.16
C VAL A 89 -5.18 2.43 43.91
N LEU A 90 -5.33 2.80 42.63
CA LEU A 90 -5.98 4.07 42.30
C LEU A 90 -7.43 4.08 42.73
N LEU A 91 -8.16 3.00 42.43
CA LEU A 91 -9.57 2.93 42.79
C LEU A 91 -9.77 2.96 44.30
N LYS A 92 -8.85 2.36 45.06
CA LYS A 92 -8.97 2.40 46.52
C LYS A 92 -8.72 3.79 47.06
N TYR A 93 -7.93 4.61 46.35
CA TYR A 93 -7.65 5.98 46.77
C TYR A 93 -8.59 7.00 46.13
N GLY A 94 -9.82 6.61 45.84
CA GLY A 94 -10.82 7.56 45.38
C GLY A 94 -10.69 7.99 43.93
N ALA A 95 -10.31 7.09 43.04
CA ALA A 95 -10.23 7.43 41.63
C ALA A 95 -11.62 7.50 41.01
N ASP A 96 -11.76 8.37 40.01
CA ASP A 96 -13.02 8.52 39.30
C ASP A 96 -13.19 7.33 38.36
N VAL A 97 -14.06 6.39 38.73
CA VAL A 97 -14.22 5.16 37.95
C VAL A 97 -14.85 5.45 36.59
N ASN A 98 -15.65 6.51 36.49
CA ASN A 98 -16.30 6.85 35.23
C ASN A 98 -15.87 8.24 34.74
N ALA A 99 -14.58 8.48 34.63
CA ALA A 99 -14.07 9.71 34.07
C ALA A 99 -13.98 9.60 32.54
N TYR A 100 -13.97 10.76 31.88
CA TYR A 100 -13.88 10.80 30.43
C TYR A 100 -12.90 11.89 30.00
N ASP A 101 -12.23 11.64 28.88
CA ASP A 101 -11.22 12.53 28.32
C ASP A 101 -11.84 13.36 27.20
N LEU A 102 -10.99 13.85 26.29
CA LEU A 102 -11.51 14.61 25.15
C LEU A 102 -12.20 13.70 24.15
N ASN A 103 -11.70 12.48 23.97
CA ASN A 103 -12.38 11.52 23.12
C ASN A 103 -13.64 10.95 23.74
N GLY A 104 -13.80 11.10 25.05
CA GLY A 104 -14.91 10.51 25.76
C GLY A 104 -14.68 9.09 26.23
N ALA A 105 -13.45 8.58 26.13
CA ALA A 105 -13.15 7.21 26.51
C ALA A 105 -13.06 7.10 28.04
N THR A 106 -13.81 6.16 28.59
CA THR A 106 -13.77 5.84 30.01
C THR A 106 -12.71 4.79 30.28
N PRO A 107 -12.32 4.59 31.54
CA PRO A 107 -11.36 3.50 31.84
C PRO A 107 -11.84 2.13 31.39
N LEU A 108 -13.16 1.93 31.33
CA LEU A 108 -13.68 0.66 30.81
C LEU A 108 -13.52 0.57 29.30
N HIS A 109 -13.62 1.71 28.60
CA HIS A 109 -13.43 1.70 27.15
C HIS A 109 -12.01 1.28 26.78
N LEU A 110 -11.02 1.89 27.41
CA LEU A 110 -9.63 1.61 27.06
C LEU A 110 -9.22 0.21 27.48
N ALA A 111 -9.70 -0.26 28.63
CA ALA A 111 -9.38 -1.61 29.08
C ALA A 111 -9.98 -2.67 28.16
N ALA A 112 -11.17 -2.41 27.62
CA ALA A 112 -11.78 -3.37 26.69
C ALA A 112 -11.07 -3.36 25.34
N ARG A 113 -10.59 -2.20 24.90
CA ARG A 113 -9.91 -2.13 23.62
C ARG A 113 -8.55 -2.82 23.68
N MET A 114 -7.81 -2.61 24.77
CA MET A 114 -6.53 -3.29 24.94
C MET A 114 -6.69 -4.74 25.38
N GLY A 115 -7.80 -5.07 26.02
CA GLY A 115 -8.10 -6.46 26.35
C GLY A 115 -7.52 -6.96 27.64
N HIS A 116 -7.69 -6.22 28.72
CA HIS A 116 -7.24 -6.62 30.05
C HIS A 116 -8.47 -7.02 30.86
N VAL A 117 -8.75 -8.33 30.90
CA VAL A 117 -9.98 -8.81 31.52
C VAL A 117 -9.96 -8.60 33.03
N GLU A 118 -8.79 -8.73 33.65
CA GLU A 118 -8.70 -8.51 35.08
C GLU A 118 -9.04 -7.06 35.43
N ILE A 119 -8.54 -6.11 34.64
CA ILE A 119 -8.85 -4.71 34.89
C ILE A 119 -10.31 -4.40 34.57
N VAL A 120 -10.87 -5.10 33.57
CA VAL A 120 -12.28 -4.90 33.22
C VAL A 120 -13.18 -5.32 34.38
N GLU A 121 -12.93 -6.51 34.93
CA GLU A 121 -13.76 -7.01 36.02
C GLU A 121 -13.64 -6.15 37.27
N VAL A 122 -12.45 -5.60 37.54
CA VAL A 122 -12.26 -4.78 38.73
C VAL A 122 -13.01 -3.46 38.60
N LEU A 123 -12.97 -2.85 37.41
CA LEU A 123 -13.68 -1.58 37.21
C LEU A 123 -15.20 -1.77 37.28
N LEU A 124 -15.71 -2.86 36.71
CA LEU A 124 -17.14 -3.12 36.77
C LEU A 124 -17.58 -3.42 38.20
N LYS A 125 -16.76 -4.15 38.96
CA LYS A 125 -17.07 -4.41 40.36
C LYS A 125 -16.95 -3.16 41.22
N TYR A 126 -16.16 -2.17 40.79
CA TYR A 126 -16.05 -0.92 41.53
C TYR A 126 -17.19 0.05 41.22
N GLY A 127 -17.90 -0.16 40.10
CA GLY A 127 -19.02 0.68 39.76
C GLY A 127 -18.86 1.43 38.46
N ALA A 128 -18.41 0.73 37.42
CA ALA A 128 -18.26 1.32 36.10
C ALA A 128 -19.51 1.09 35.28
N ASP A 129 -19.93 2.13 34.55
CA ASP A 129 -21.11 2.04 33.69
C ASP A 129 -20.76 1.19 32.47
N VAL A 130 -21.41 0.03 32.33
CA VAL A 130 -21.09 -0.87 31.24
C VAL A 130 -21.58 -0.32 29.91
N ASN A 131 -22.60 0.54 29.92
CA ASN A 131 -23.16 1.13 28.71
C ASN A 131 -22.67 2.56 28.51
N ALA A 132 -21.41 2.86 28.81
CA ALA A 132 -20.88 4.19 28.59
C ALA A 132 -20.65 4.43 27.10
N GLN A 133 -20.87 5.68 26.69
CA GLN A 133 -20.71 6.07 25.30
C GLN A 133 -19.79 7.27 25.19
N ASP A 134 -18.85 7.22 24.24
CA ASP A 134 -17.87 8.27 24.04
C ASP A 134 -18.38 9.26 22.99
N ALA A 135 -17.47 10.05 22.42
CA ALA A 135 -17.86 11.01 21.38
C ALA A 135 -18.31 10.30 20.11
N ALA A 136 -17.75 9.11 19.83
CA ALA A 136 -18.20 8.35 18.67
C ALA A 136 -19.53 7.66 18.93
N GLY A 137 -19.93 7.52 20.19
CA GLY A 137 -21.18 6.88 20.54
C GLY A 137 -21.11 5.38 20.74
N GLY A 138 -19.92 4.82 20.84
CA GLY A 138 -19.75 3.38 20.98
C GLY A 138 -19.55 2.99 22.45
N THR A 139 -20.10 1.83 22.81
CA THR A 139 -19.95 1.29 24.15
C THR A 139 -18.61 0.57 24.28
N PRO A 140 -18.18 0.25 25.49
CA PRO A 140 -16.98 -0.60 25.64
C PRO A 140 -17.10 -1.93 24.92
N LEU A 141 -18.32 -2.41 24.67
CA LEU A 141 -18.49 -3.62 23.88
C LEU A 141 -18.08 -3.39 22.43
N HIS A 142 -18.27 -2.17 21.92
CA HIS A 142 -17.78 -1.84 20.58
C HIS A 142 -16.27 -1.93 20.52
N GLU A 143 -15.57 -1.31 21.48
CA GLU A 143 -14.11 -1.39 21.50
C GLU A 143 -13.63 -2.82 21.71
N ALA A 144 -14.40 -3.63 22.44
CA ALA A 144 -13.99 -5.02 22.64
C ALA A 144 -14.26 -5.86 21.41
N ALA A 145 -15.36 -5.58 20.69
CA ALA A 145 -15.67 -6.30 19.47
C ALA A 145 -14.75 -5.90 18.31
N ARG A 146 -14.31 -4.63 18.27
CA ARG A 146 -13.40 -4.23 17.22
C ARG A 146 -12.02 -4.85 17.40
N ALA A 147 -11.57 -4.98 18.65
CA ALA A 147 -10.27 -5.58 18.91
C ALA A 147 -10.32 -7.10 18.85
N GLY A 148 -11.41 -7.70 19.33
CA GLY A 148 -11.58 -9.13 19.26
C GLY A 148 -11.13 -9.88 20.50
N HIS A 149 -11.62 -9.45 21.66
CA HIS A 149 -11.32 -10.10 22.93
C HIS A 149 -12.56 -10.84 23.41
N LEU A 150 -12.50 -12.17 23.42
CA LEU A 150 -13.68 -12.97 23.76
C LEU A 150 -14.05 -12.82 25.23
N GLU A 151 -13.08 -12.94 26.13
CA GLU A 151 -13.39 -12.95 27.55
C GLU A 151 -13.92 -11.61 28.04
N ILE A 152 -13.45 -10.50 27.43
CA ILE A 152 -13.99 -9.19 27.82
C ILE A 152 -15.44 -9.06 27.37
N VAL A 153 -15.77 -9.59 26.19
CA VAL A 153 -17.14 -9.54 25.71
C VAL A 153 -18.06 -10.35 26.61
N GLU A 154 -17.62 -11.55 27.00
CA GLU A 154 -18.45 -12.38 27.87
C GLU A 154 -18.68 -11.72 29.23
N VAL A 155 -17.67 -10.99 29.72
CA VAL A 155 -17.82 -10.32 31.02
C VAL A 155 -18.75 -9.12 30.89
N LEU A 156 -18.58 -8.32 29.84
CA LEU A 156 -19.43 -7.13 29.67
C LEU A 156 -20.89 -7.51 29.50
N LEU A 157 -21.16 -8.54 28.68
CA LEU A 157 -22.54 -8.97 28.48
C LEU A 157 -23.13 -9.57 29.75
N LYS A 158 -22.30 -10.14 30.63
CA LYS A 158 -22.81 -10.68 31.87
C LYS A 158 -23.15 -9.58 32.87
N TYR A 159 -22.43 -8.45 32.82
CA TYR A 159 -22.73 -7.33 33.70
C TYR A 159 -23.89 -6.48 33.22
N GLY A 160 -24.26 -6.59 31.94
CA GLY A 160 -25.41 -5.88 31.43
C GLY A 160 -25.10 -4.97 30.25
N ALA A 161 -24.24 -5.42 29.35
CA ALA A 161 -23.91 -4.64 28.17
C ALA A 161 -25.09 -4.62 27.20
N ASP A 162 -25.14 -3.56 26.39
CA ASP A 162 -26.20 -3.40 25.38
C ASP A 162 -25.76 -4.11 24.11
N VAL A 163 -26.42 -5.21 23.77
CA VAL A 163 -26.03 -6.00 22.62
C VAL A 163 -26.34 -5.26 21.32
N ASN A 164 -27.35 -4.41 21.32
CA ASN A 164 -27.76 -3.65 20.15
C ASN A 164 -27.45 -2.17 20.29
N ALA A 165 -26.28 -1.85 20.83
CA ALA A 165 -25.88 -0.45 20.98
C ALA A 165 -25.53 0.14 19.63
N VAL A 166 -25.93 1.39 19.43
CA VAL A 166 -25.76 2.09 18.16
C VAL A 166 -24.90 3.33 18.39
N ASP A 167 -23.85 3.47 17.59
CA ASP A 167 -22.97 4.62 17.65
C ASP A 167 -23.43 5.68 16.64
N ALA A 168 -22.58 6.68 16.41
CA ALA A 168 -22.94 7.78 15.50
C ALA A 168 -23.09 7.28 14.07
N ALA A 169 -22.19 6.42 13.62
CA ALA A 169 -22.26 5.87 12.27
C ALA A 169 -23.34 4.80 12.13
N GLY A 170 -24.05 4.47 13.20
CA GLY A 170 -25.08 3.46 13.17
C GLY A 170 -24.60 2.03 13.36
N GLY A 171 -23.32 1.84 13.67
CA GLY A 171 -22.80 0.49 13.79
C GLY A 171 -23.12 -0.14 15.13
N THR A 172 -23.30 -1.46 15.09
CA THR A 172 -23.58 -2.27 16.26
C THR A 172 -22.36 -3.12 16.61
N PRO A 173 -22.28 -3.65 17.83
CA PRO A 173 -21.16 -4.55 18.15
C PRO A 173 -21.05 -5.72 17.18
N LEU A 174 -22.17 -6.18 16.62
CA LEU A 174 -22.12 -7.24 15.62
C LEU A 174 -21.49 -6.76 14.33
N HIS A 175 -21.61 -5.47 14.02
CA HIS A 175 -20.96 -4.92 12.82
C HIS A 175 -19.44 -4.94 12.96
N GLU A 176 -18.93 -4.53 14.13
CA GLU A 176 -17.49 -4.52 14.33
C GLU A 176 -16.90 -5.93 14.33
N ALA A 177 -17.65 -6.90 14.88
CA ALA A 177 -17.15 -8.27 14.92
C ALA A 177 -17.21 -8.91 13.54
N ALA A 178 -18.25 -8.63 12.78
CA ALA A 178 -18.36 -9.20 11.44
C ALA A 178 -17.39 -8.54 10.47
N ARG A 179 -17.04 -7.27 10.71
CA ARG A 179 -16.11 -6.58 9.84
C ARG A 179 -14.67 -6.97 10.13
N ALA A 180 -14.34 -7.21 11.40
CA ALA A 180 -13.00 -7.63 11.76
C ALA A 180 -12.76 -9.10 11.41
N GLY A 181 -13.57 -9.99 11.95
CA GLY A 181 -13.46 -11.40 11.64
C GLY A 181 -13.26 -12.29 12.85
N HIS A 182 -14.09 -12.12 13.87
CA HIS A 182 -14.04 -12.92 15.10
C HIS A 182 -15.39 -13.62 15.26
N LEU A 183 -15.47 -14.87 14.79
CA LEU A 183 -16.72 -15.61 14.91
C LEU A 183 -17.00 -16.02 16.35
N GLU A 184 -15.98 -16.11 17.19
CA GLU A 184 -16.19 -16.52 18.58
C GLU A 184 -17.10 -15.53 19.30
N ILE A 185 -16.95 -14.23 19.02
CA ILE A 185 -17.80 -13.24 19.65
C ILE A 185 -19.09 -12.98 18.87
N VAL A 186 -19.12 -13.31 17.57
CA VAL A 186 -20.35 -13.16 16.79
C VAL A 186 -21.42 -14.10 17.33
N GLU A 187 -21.05 -15.37 17.57
CA GLU A 187 -22.00 -16.32 18.11
C GLU A 187 -22.43 -15.92 19.52
N VAL A 188 -21.50 -15.39 20.32
CA VAL A 188 -21.84 -14.96 21.67
C VAL A 188 -22.79 -13.76 21.62
N LEU A 189 -22.51 -12.79 20.75
CA LEU A 189 -23.42 -11.66 20.59
C LEU A 189 -24.78 -12.11 20.12
N LEU A 190 -24.82 -13.04 19.16
CA LEU A 190 -26.10 -13.57 18.69
C LEU A 190 -26.76 -14.42 19.76
N LYS A 191 -25.97 -15.10 20.60
CA LYS A 191 -26.55 -15.88 21.69
C LYS A 191 -27.23 -14.98 22.71
N TYR A 192 -26.58 -13.88 23.10
CA TYR A 192 -27.21 -12.94 24.02
C TYR A 192 -28.36 -12.19 23.38
N GLY A 193 -28.40 -12.10 22.05
CA GLY A 193 -29.50 -11.44 21.37
C GLY A 193 -29.07 -10.21 20.61
N ALA A 194 -28.53 -10.40 19.42
CA ALA A 194 -28.12 -9.30 18.56
C ALA A 194 -29.00 -9.25 17.32
N ASP A 195 -29.22 -8.03 16.81
CA ASP A 195 -29.99 -7.84 15.60
C ASP A 195 -29.12 -8.21 14.41
N VAL A 196 -29.38 -9.38 13.82
CA VAL A 196 -28.53 -9.90 12.75
C VAL A 196 -28.66 -9.07 11.48
N ASN A 197 -29.72 -8.28 11.35
CA ASN A 197 -29.94 -7.45 10.17
C ASN A 197 -29.94 -5.97 10.56
N ALA A 198 -29.05 -5.59 11.47
CA ALA A 198 -28.91 -4.19 11.83
C ALA A 198 -28.38 -3.38 10.66
N VAL A 199 -28.82 -2.13 10.58
CA VAL A 199 -28.51 -1.24 9.46
C VAL A 199 -27.80 -0.01 10.01
N ASP A 200 -26.62 0.27 9.47
CA ASP A 200 -25.88 1.47 9.84
C ASP A 200 -26.30 2.64 8.94
N ALA A 201 -25.64 3.79 9.13
CA ALA A 201 -25.96 4.97 8.33
C ALA A 201 -25.71 4.74 6.84
N ALA A 202 -24.74 3.90 6.51
CA ALA A 202 -24.46 3.56 5.12
C ALA A 202 -25.37 2.47 4.59
N GLY A 203 -26.31 1.98 5.39
CA GLY A 203 -27.22 0.95 4.97
C GLY A 203 -26.67 -0.46 5.01
N GLY A 204 -25.43 -0.64 5.47
CA GLY A 204 -24.82 -1.96 5.45
C GLY A 204 -25.24 -2.80 6.65
N THR A 205 -25.54 -4.07 6.38
CA THR A 205 -25.85 -5.05 7.41
C THR A 205 -24.58 -5.78 7.81
N PRO A 206 -24.61 -6.49 8.96
CA PRO A 206 -23.45 -7.33 9.30
C PRO A 206 -23.11 -8.34 8.21
N LEU A 207 -24.09 -8.80 7.45
CA LEU A 207 -23.80 -9.68 6.33
C LEU A 207 -23.05 -8.95 5.21
N HIS A 208 -23.27 -7.64 5.08
CA HIS A 208 -22.52 -6.86 4.09
C HIS A 208 -21.05 -6.78 4.47
N GLU A 209 -20.75 -6.41 5.72
CA GLU A 209 -19.37 -6.25 6.13
C GLU A 209 -18.64 -7.59 6.17
N ALA A 210 -19.36 -8.67 6.48
CA ALA A 210 -18.73 -9.99 6.53
C ALA A 210 -18.33 -10.47 5.15
N ALA A 211 -19.27 -10.42 4.20
CA ALA A 211 -18.95 -10.82 2.84
C ALA A 211 -17.97 -9.86 2.16
N ARG A 212 -17.82 -8.65 2.68
CA ARG A 212 -16.87 -7.70 2.12
C ARG A 212 -15.44 -8.05 2.50
N ALA A 213 -15.24 -8.56 3.71
CA ALA A 213 -13.91 -8.92 4.20
C ALA A 213 -13.52 -10.35 3.80
N GLY A 214 -14.48 -11.27 3.79
CA GLY A 214 -14.21 -12.63 3.36
C GLY A 214 -14.20 -13.65 4.48
N HIS A 215 -15.09 -13.48 5.46
CA HIS A 215 -15.19 -14.40 6.59
C HIS A 215 -16.34 -15.36 6.32
N LEU A 216 -16.03 -16.47 5.65
CA LEU A 216 -17.04 -17.46 5.32
C LEU A 216 -17.70 -18.03 6.56
N GLU A 217 -16.91 -18.22 7.63
CA GLU A 217 -17.45 -18.80 8.86
C GLU A 217 -18.51 -17.89 9.47
N ILE A 218 -18.29 -16.58 9.43
CA ILE A 218 -19.26 -15.64 9.99
C ILE A 218 -20.49 -15.54 9.09
N VAL A 219 -20.29 -15.58 7.77
CA VAL A 219 -21.42 -15.46 6.84
C VAL A 219 -22.42 -16.59 7.05
N GLU A 220 -21.91 -17.81 7.26
CA GLU A 220 -22.81 -18.94 7.49
C GLU A 220 -23.53 -18.82 8.83
N VAL A 221 -22.85 -18.28 9.85
CA VAL A 221 -23.48 -18.11 11.15
C VAL A 221 -24.55 -17.02 11.09
N LEU A 222 -24.27 -15.92 10.39
CA LEU A 222 -25.27 -14.86 10.25
C LEU A 222 -26.49 -15.36 9.51
N LEU A 223 -26.29 -16.16 8.46
CA LEU A 223 -27.42 -16.69 7.70
C LEU A 223 -28.22 -17.70 8.51
N LYS A 224 -27.56 -18.44 9.41
CA LYS A 224 -28.28 -19.37 10.27
C LYS A 224 -29.12 -18.65 11.31
N TYR A 225 -28.76 -17.42 11.67
CA TYR A 225 -29.54 -16.62 12.61
C TYR A 225 -30.56 -15.72 11.92
N GLY A 226 -30.71 -15.83 10.60
CA GLY A 226 -31.77 -15.14 9.90
C GLY A 226 -31.36 -13.87 9.18
N ALA A 227 -30.16 -13.87 8.60
CA ALA A 227 -29.69 -12.70 7.88
C ALA A 227 -30.38 -12.60 6.53
N ASP A 228 -30.71 -11.37 6.13
CA ASP A 228 -31.30 -11.12 4.82
C ASP A 228 -30.20 -11.26 3.75
N VAL A 229 -30.30 -12.31 2.93
CA VAL A 229 -29.28 -12.56 1.92
C VAL A 229 -29.31 -11.50 0.82
N ASN A 230 -30.45 -10.82 0.63
CA ASN A 230 -30.52 -9.78 -0.38
C ASN A 230 -30.76 -8.42 0.24
N ALA A 231 -30.00 -8.09 1.28
CA ALA A 231 -30.09 -6.77 1.88
C ALA A 231 -29.48 -5.73 0.96
N VAL A 232 -30.04 -4.52 0.99
CA VAL A 232 -29.62 -3.43 0.13
C VAL A 232 -29.19 -2.26 1.00
N ASP A 233 -28.02 -1.69 0.70
CA ASP A 233 -27.46 -0.57 1.43
C ASP A 233 -27.75 0.73 0.67
N ALA A 234 -27.12 1.82 1.12
CA ALA A 234 -27.32 3.11 0.46
C ALA A 234 -26.82 3.10 -0.98
N ALA A 235 -25.75 2.36 -1.25
CA ALA A 235 -25.24 2.24 -2.61
C ALA A 235 -26.03 1.25 -3.46
N GLY A 236 -26.98 0.54 -2.86
CA GLY A 236 -27.77 -0.43 -3.60
C GLY A 236 -27.13 -1.79 -3.79
N GLY A 237 -26.05 -2.09 -3.07
CA GLY A 237 -25.32 -3.34 -3.25
C GLY A 237 -25.73 -4.38 -2.23
N THR A 238 -25.95 -5.60 -2.70
CA THR A 238 -26.25 -6.74 -1.85
C THR A 238 -24.95 -7.33 -1.31
N PRO A 239 -25.03 -8.23 -0.32
CA PRO A 239 -23.81 -8.94 0.10
C PRO A 239 -23.16 -9.71 -1.05
N LEU A 240 -23.94 -10.13 -2.05
CA LEU A 240 -23.34 -10.75 -3.22
C LEU A 240 -22.51 -9.76 -4.01
N HIS A 241 -22.90 -8.48 -4.04
CA HIS A 241 -22.06 -7.46 -4.65
C HIS A 241 -20.70 -7.39 -3.98
N GLU A 242 -20.69 -7.29 -2.64
CA GLU A 242 -19.44 -7.17 -1.92
C GLU A 242 -18.59 -8.43 -2.04
N ALA A 243 -19.23 -9.59 -2.18
CA ALA A 243 -18.47 -10.84 -2.29
C ALA A 243 -17.75 -10.93 -3.63
N ALA A 244 -18.49 -10.73 -4.73
CA ALA A 244 -17.85 -10.73 -6.05
C ALA A 244 -16.94 -9.53 -6.25
N ARG A 245 -17.17 -8.45 -5.50
CA ARG A 245 -16.30 -7.28 -5.60
C ARG A 245 -14.89 -7.61 -5.13
N ALA A 246 -14.78 -8.40 -4.05
CA ALA A 246 -13.48 -8.78 -3.51
C ALA A 246 -13.00 -10.15 -3.99
N GLY A 247 -13.92 -11.05 -4.34
CA GLY A 247 -13.55 -12.35 -4.86
C GLY A 247 -13.40 -13.42 -3.80
N HIS A 248 -14.45 -13.67 -3.04
CA HIS A 248 -14.49 -14.72 -2.03
C HIS A 248 -15.42 -15.82 -2.56
N LEU A 249 -14.85 -16.76 -3.30
CA LEU A 249 -15.65 -17.79 -3.96
C LEU A 249 -16.50 -18.55 -2.96
N GLU A 250 -15.97 -18.81 -1.77
CA GLU A 250 -16.71 -19.58 -0.78
C GLU A 250 -17.97 -18.86 -0.34
N ILE A 251 -17.89 -17.53 -0.18
CA ILE A 251 -19.05 -16.76 0.21
C ILE A 251 -20.03 -16.61 -0.96
N VAL A 252 -19.51 -16.46 -2.18
CA VAL A 252 -20.38 -16.32 -3.34
C VAL A 252 -21.24 -17.56 -3.51
N GLU A 253 -20.65 -18.75 -3.32
CA GLU A 253 -21.41 -19.98 -3.48
C GLU A 253 -22.42 -20.17 -2.36
N VAL A 254 -22.10 -19.71 -1.14
CA VAL A 254 -23.03 -19.85 -0.03
C VAL A 254 -24.20 -18.89 -0.18
N LEU A 255 -23.94 -17.64 -0.55
CA LEU A 255 -25.02 -16.67 -0.72
C LEU A 255 -25.96 -17.08 -1.84
N LEU A 256 -25.41 -17.62 -2.94
CA LEU A 256 -26.26 -18.00 -4.06
C LEU A 256 -27.16 -19.17 -3.70
N LYS A 257 -26.63 -20.18 -3.01
CA LYS A 257 -27.46 -21.31 -2.59
C LYS A 257 -28.53 -20.87 -1.60
N TYR A 258 -28.22 -19.89 -0.74
CA TYR A 258 -29.23 -19.39 0.19
C TYR A 258 -30.29 -18.55 -0.51
N GLY A 259 -30.04 -18.11 -1.73
CA GLY A 259 -31.05 -17.42 -2.50
C GLY A 259 -30.76 -15.95 -2.78
N ALA A 260 -29.47 -15.60 -2.91
CA ALA A 260 -29.12 -14.24 -3.26
C ALA A 260 -29.49 -13.97 -4.71
N ASP A 261 -29.77 -12.70 -5.01
CA ASP A 261 -30.18 -12.30 -6.35
C ASP A 261 -28.94 -12.01 -7.18
N VAL A 262 -28.63 -12.89 -8.13
CA VAL A 262 -27.48 -12.71 -9.00
C VAL A 262 -27.65 -11.57 -9.99
N ASN A 263 -28.87 -11.05 -10.13
CA ASN A 263 -29.15 -9.95 -11.03
C ASN A 263 -29.55 -8.68 -10.28
N ALA A 264 -29.10 -8.55 -9.03
CA ALA A 264 -29.41 -7.36 -8.24
C ALA A 264 -28.64 -6.16 -8.78
N VAL A 265 -29.33 -5.03 -8.93
CA VAL A 265 -28.74 -3.83 -9.50
C VAL A 265 -28.54 -2.81 -8.38
N ASP A 266 -27.39 -2.16 -8.38
CA ASP A 266 -27.06 -1.13 -7.39
C ASP A 266 -27.37 0.25 -7.97
N ALA A 267 -26.97 1.30 -7.24
CA ALA A 267 -27.25 2.66 -7.66
C ALA A 267 -26.53 3.01 -8.97
N ALA A 268 -25.31 2.50 -9.14
CA ALA A 268 -24.58 2.75 -10.38
C ALA A 268 -25.19 1.99 -11.54
N GLY A 269 -25.69 0.77 -11.28
CA GLY A 269 -26.27 -0.05 -12.31
C GLY A 269 -25.51 -1.33 -12.55
N GLY A 270 -24.91 -1.87 -11.49
CA GLY A 270 -24.06 -3.04 -11.63
C GLY A 270 -24.47 -4.23 -10.79
N THR A 271 -24.70 -5.36 -11.46
CA THR A 271 -24.91 -6.63 -10.81
C THR A 271 -23.57 -7.22 -10.37
N PRO A 272 -23.58 -8.29 -9.58
CA PRO A 272 -22.30 -8.91 -9.19
C PRO A 272 -21.42 -9.31 -10.35
N LEU A 273 -21.99 -9.57 -11.54
CA LEU A 273 -21.18 -10.01 -12.67
C LEU A 273 -20.31 -8.87 -13.20
N HIS A 274 -20.84 -7.65 -13.24
CA HIS A 274 -20.05 -6.51 -13.70
C HIS A 274 -18.90 -6.22 -12.73
N GLU A 275 -19.10 -6.52 -11.44
CA GLU A 275 -18.03 -6.35 -10.46
C GLU A 275 -17.01 -7.47 -10.54
N ALA A 276 -17.47 -8.72 -10.68
CA ALA A 276 -16.55 -9.85 -10.74
C ALA A 276 -15.72 -9.84 -12.02
N ALA A 277 -16.35 -9.54 -13.16
CA ALA A 277 -15.60 -9.49 -14.41
C ALA A 277 -14.63 -8.33 -14.45
N ARG A 278 -14.99 -7.20 -13.84
CA ARG A 278 -14.07 -6.06 -13.81
C ARG A 278 -12.89 -6.34 -12.89
N ALA A 279 -13.15 -6.90 -11.71
CA ALA A 279 -12.07 -7.22 -10.78
C ALA A 279 -11.20 -8.37 -11.27
N GLY A 280 -11.71 -9.20 -12.18
CA GLY A 280 -10.94 -10.30 -12.72
C GLY A 280 -10.96 -11.54 -11.84
N HIS A 281 -12.13 -12.17 -11.71
CA HIS A 281 -12.29 -13.39 -10.92
C HIS A 281 -12.95 -14.44 -11.81
N LEU A 282 -12.12 -15.22 -12.51
CA LEU A 282 -12.65 -16.25 -13.40
C LEU A 282 -13.47 -17.28 -12.65
N GLU A 283 -13.11 -17.57 -11.39
CA GLU A 283 -13.83 -18.56 -10.61
C GLU A 283 -15.24 -18.06 -10.26
N ILE A 284 -15.36 -16.79 -9.87
CA ILE A 284 -16.65 -16.26 -9.46
C ILE A 284 -17.54 -16.03 -10.68
N VAL A 285 -16.97 -15.56 -11.79
CA VAL A 285 -17.77 -15.28 -12.99
C VAL A 285 -18.43 -16.55 -13.50
N GLU A 286 -17.71 -17.68 -13.46
CA GLU A 286 -18.30 -18.94 -13.91
C GLU A 286 -19.46 -19.37 -13.04
N VAL A 287 -19.36 -19.14 -11.72
CA VAL A 287 -20.42 -19.57 -10.82
C VAL A 287 -21.64 -18.66 -10.96
N LEU A 288 -21.42 -17.34 -11.10
CA LEU A 288 -22.53 -16.42 -11.24
C LEU A 288 -23.35 -16.70 -12.50
N LEU A 289 -22.68 -17.08 -13.59
CA LEU A 289 -23.37 -17.36 -14.83
C LEU A 289 -24.11 -18.69 -14.80
N LYS A 290 -23.62 -19.66 -14.02
CA LYS A 290 -24.31 -20.94 -13.91
C LYS A 290 -25.67 -20.78 -13.24
N TYR A 291 -25.73 -20.00 -12.16
CA TYR A 291 -27.00 -19.81 -11.48
C TYR A 291 -27.97 -18.94 -12.27
N GLY A 292 -27.47 -18.09 -13.16
CA GLY A 292 -28.35 -17.35 -14.04
C GLY A 292 -28.12 -15.86 -14.08
N ALA A 293 -26.86 -15.44 -14.20
CA ALA A 293 -26.57 -14.02 -14.33
C ALA A 293 -26.91 -13.53 -15.73
N ASP A 294 -27.40 -12.29 -15.82
CA ASP A 294 -27.73 -11.68 -17.10
C ASP A 294 -26.42 -11.25 -17.77
N VAL A 295 -26.00 -12.01 -18.79
CA VAL A 295 -24.68 -11.82 -19.37
C VAL A 295 -24.61 -10.53 -20.19
N ASN A 296 -25.73 -10.06 -20.71
CA ASN A 296 -25.80 -8.81 -21.48
C ASN A 296 -26.77 -7.87 -20.78
N ALA A 297 -26.25 -7.09 -19.84
CA ALA A 297 -27.01 -6.09 -19.10
C ALA A 297 -26.35 -4.72 -19.27
N VAL A 298 -27.00 -3.70 -18.71
CA VAL A 298 -26.43 -2.36 -18.76
C VAL A 298 -25.17 -2.31 -17.92
N GLY A 299 -24.07 -1.87 -18.53
CA GLY A 299 -22.79 -1.84 -17.85
C GLY A 299 -21.67 -2.35 -18.72
N THR A 300 -22.03 -3.21 -19.69
CA THR A 300 -21.12 -3.79 -20.67
C THR A 300 -19.92 -4.44 -20.00
N PRO A 301 -20.09 -5.64 -19.41
CA PRO A 301 -18.94 -6.29 -18.77
C PRO A 301 -17.94 -6.84 -19.78
N LEU A 302 -18.39 -7.20 -20.98
CA LEU A 302 -17.45 -7.67 -22.00
C LEU A 302 -16.50 -6.57 -22.44
N HIS A 303 -16.94 -5.30 -22.39
CA HIS A 303 -16.04 -4.20 -22.71
C HIS A 303 -14.91 -4.10 -21.69
N LYS A 304 -15.25 -4.01 -20.40
CA LYS A 304 -14.23 -3.84 -19.38
C LYS A 304 -13.36 -5.09 -19.25
N ALA A 305 -13.91 -6.27 -19.55
CA ALA A 305 -13.11 -7.48 -19.47
C ALA A 305 -12.07 -7.52 -20.58
N ALA A 306 -12.49 -7.23 -21.82
CA ALA A 306 -11.54 -7.18 -22.92
C ALA A 306 -10.59 -6.00 -22.81
N ARG A 307 -10.98 -4.95 -22.09
CA ARG A 307 -10.09 -3.81 -21.88
C ARG A 307 -8.99 -4.15 -20.87
N ALA A 308 -9.35 -4.87 -19.80
CA ALA A 308 -8.35 -5.24 -18.80
C ALA A 308 -7.42 -6.33 -19.33
N GLY A 309 -7.97 -7.32 -20.02
CA GLY A 309 -7.16 -8.39 -20.57
C GLY A 309 -7.41 -9.74 -19.93
N HIS A 310 -8.61 -9.94 -19.39
CA HIS A 310 -8.98 -11.22 -18.78
C HIS A 310 -9.50 -12.13 -19.89
N LEU A 311 -8.55 -12.74 -20.60
CA LEU A 311 -8.90 -13.60 -21.73
C LEU A 311 -9.82 -14.74 -21.31
N GLU A 312 -9.58 -15.31 -20.13
CA GLU A 312 -10.42 -16.40 -19.65
C GLU A 312 -11.84 -15.92 -19.38
N ILE A 313 -11.99 -14.68 -18.89
CA ILE A 313 -13.31 -14.15 -18.59
C ILE A 313 -14.04 -13.78 -19.88
N VAL A 314 -13.33 -13.20 -20.85
CA VAL A 314 -13.95 -12.85 -22.12
C VAL A 314 -14.45 -14.11 -22.83
N GLU A 315 -13.72 -15.23 -22.67
CA GLU A 315 -14.18 -16.48 -23.25
C GLU A 315 -15.45 -16.97 -22.56
N VAL A 316 -15.50 -16.89 -21.23
CA VAL A 316 -16.66 -17.38 -20.50
C VAL A 316 -17.88 -16.51 -20.78
N LEU A 317 -17.69 -15.19 -20.83
CA LEU A 317 -18.81 -14.28 -21.11
C LEU A 317 -19.44 -14.60 -22.47
N LEU A 318 -18.61 -14.79 -23.49
CA LEU A 318 -19.13 -15.10 -24.83
C LEU A 318 -19.76 -16.48 -24.89
N LYS A 319 -19.22 -17.44 -24.14
CA LYS A 319 -19.78 -18.79 -24.15
C LYS A 319 -21.14 -18.86 -23.48
N TYR A 320 -21.49 -17.88 -22.65
CA TYR A 320 -22.81 -17.81 -22.03
C TYR A 320 -23.77 -16.90 -22.78
N GLY A 321 -23.37 -16.37 -23.92
CA GLY A 321 -24.26 -15.59 -24.76
C GLY A 321 -24.13 -14.10 -24.69
N ALA A 322 -22.95 -13.57 -24.36
CA ALA A 322 -22.77 -12.13 -24.38
C ALA A 322 -22.79 -11.60 -25.80
N ASP A 323 -23.26 -10.37 -25.96
CA ASP A 323 -23.33 -9.74 -27.28
C ASP A 323 -21.93 -9.32 -27.69
N VAL A 324 -21.39 -9.95 -28.74
CA VAL A 324 -20.04 -9.66 -29.18
C VAL A 324 -19.95 -8.27 -29.79
N ASN A 325 -21.04 -7.76 -30.34
CA ASN A 325 -21.04 -6.42 -30.93
C ASN A 325 -21.83 -5.44 -30.06
N ALA A 326 -21.59 -5.48 -28.75
CA ALA A 326 -22.25 -4.54 -27.85
C ALA A 326 -21.71 -3.13 -28.06
N THR A 327 -22.53 -2.15 -27.70
CA THR A 327 -22.19 -0.74 -27.85
C THR A 327 -22.14 -0.06 -26.49
N ASP A 328 -21.18 0.84 -26.31
CA ASP A 328 -21.06 1.59 -25.07
C ASP A 328 -21.57 3.01 -25.23
N ILE A 329 -21.05 3.93 -24.41
CA ILE A 329 -21.45 5.33 -24.51
C ILE A 329 -20.95 5.93 -25.81
N TRP A 330 -19.74 5.56 -26.23
CA TRP A 330 -19.14 6.10 -27.44
C TRP A 330 -19.44 5.27 -28.68
N ASP A 331 -20.39 4.34 -28.61
CA ASP A 331 -20.73 3.44 -29.73
C ASP A 331 -19.50 2.69 -30.22
N ALA A 332 -18.70 2.16 -29.28
CA ALA A 332 -17.50 1.41 -29.60
C ALA A 332 -17.69 -0.05 -29.18
N THR A 333 -17.36 -0.98 -30.07
CA THR A 333 -17.48 -2.40 -29.78
C THR A 333 -16.33 -2.87 -28.90
N PRO A 334 -16.49 -4.01 -28.22
CA PRO A 334 -15.36 -4.57 -27.46
C PRO A 334 -14.17 -4.91 -28.33
N LEU A 335 -14.38 -5.08 -29.64
CA LEU A 335 -13.26 -5.31 -30.54
C LEU A 335 -12.37 -4.06 -30.65
N HIS A 336 -12.95 -2.87 -30.47
CA HIS A 336 -12.14 -1.66 -30.49
C HIS A 336 -11.13 -1.65 -29.35
N LEU A 337 -11.61 -1.87 -28.12
CA LEU A 337 -10.72 -1.84 -26.96
C LEU A 337 -9.68 -2.95 -27.03
N ALA A 338 -10.08 -4.14 -27.50
CA ALA A 338 -9.14 -5.24 -27.59
C ALA A 338 -8.02 -4.93 -28.57
N ALA A 339 -8.35 -4.31 -29.70
CA ALA A 339 -7.33 -3.91 -30.65
C ALA A 339 -6.51 -2.71 -30.17
N LEU A 340 -7.08 -1.91 -29.26
CA LEU A 340 -6.34 -0.78 -28.72
C LEU A 340 -5.35 -1.21 -27.65
N ILE A 341 -5.80 -2.05 -26.71
CA ILE A 341 -4.90 -2.54 -25.66
C ILE A 341 -3.84 -3.47 -26.23
N GLY A 342 -4.06 -4.03 -27.41
CA GLY A 342 -3.06 -4.88 -28.03
C GLY A 342 -3.07 -6.31 -27.55
N HIS A 343 -4.25 -6.91 -27.39
CA HIS A 343 -4.37 -8.28 -26.92
C HIS A 343 -4.69 -9.16 -28.12
N LEU A 344 -3.68 -9.89 -28.61
CA LEU A 344 -3.87 -10.72 -29.80
C LEU A 344 -4.89 -11.82 -29.57
N GLU A 345 -4.84 -12.46 -28.39
CA GLU A 345 -5.74 -13.59 -28.13
C GLU A 345 -7.20 -13.16 -28.05
N ILE A 346 -7.47 -12.04 -27.36
CA ILE A 346 -8.85 -11.58 -27.22
C ILE A 346 -9.40 -11.13 -28.57
N VAL A 347 -8.56 -10.49 -29.39
CA VAL A 347 -9.00 -10.09 -30.73
C VAL A 347 -9.35 -11.31 -31.56
N GLU A 348 -8.56 -12.38 -31.46
CA GLU A 348 -8.88 -13.61 -32.16
C GLU A 348 -10.17 -14.25 -31.64
N VAL A 349 -10.46 -14.10 -30.34
CA VAL A 349 -11.65 -14.72 -29.78
C VAL A 349 -12.90 -13.93 -30.17
N LEU A 350 -12.81 -12.60 -30.13
CA LEU A 350 -13.95 -11.77 -30.50
C LEU A 350 -14.32 -11.95 -31.97
N LEU A 351 -13.32 -11.97 -32.85
CA LEU A 351 -13.58 -12.12 -34.27
C LEU A 351 -14.12 -13.51 -34.61
N LYS A 352 -13.68 -14.54 -33.89
CA LYS A 352 -14.19 -15.89 -34.13
C LYS A 352 -15.61 -16.07 -33.62
N ASN A 353 -16.06 -15.25 -32.67
CA ASN A 353 -17.42 -15.29 -32.16
C ASN A 353 -18.38 -14.40 -32.95
N GLY A 354 -17.88 -13.63 -33.91
CA GLY A 354 -18.74 -12.84 -34.77
C GLY A 354 -18.70 -11.36 -34.52
N ALA A 355 -17.51 -10.82 -34.26
CA ALA A 355 -17.37 -9.39 -34.04
C ALA A 355 -17.40 -8.64 -35.37
N ASP A 356 -17.94 -7.44 -35.34
CA ASP A 356 -18.02 -6.58 -36.52
C ASP A 356 -16.66 -5.94 -36.74
N VAL A 357 -15.99 -6.31 -37.83
CA VAL A 357 -14.64 -5.81 -38.08
C VAL A 357 -14.64 -4.41 -38.68
N ASN A 358 -15.75 -3.97 -39.29
CA ASN A 358 -15.84 -2.64 -39.88
C ASN A 358 -16.70 -1.70 -39.05
N ALA A 359 -16.89 -2.00 -37.77
CA ALA A 359 -17.71 -1.15 -36.91
C ALA A 359 -16.97 0.14 -36.59
N SER A 360 -17.70 1.26 -36.67
CA SER A 360 -17.16 2.57 -36.37
C SER A 360 -17.90 3.17 -35.18
N ASP A 361 -17.23 4.07 -34.46
CA ASP A 361 -17.82 4.72 -33.30
C ASP A 361 -18.43 6.06 -33.75
N ILE A 362 -18.74 6.93 -32.79
CA ILE A 362 -19.31 8.22 -33.14
C ILE A 362 -18.30 9.08 -33.88
N THR A 363 -17.01 8.94 -33.56
CA THR A 363 -15.98 9.68 -34.28
C THR A 363 -15.67 9.06 -35.63
N GLY A 364 -15.91 7.77 -35.80
CA GLY A 364 -15.68 7.09 -37.06
C GLY A 364 -14.47 6.20 -37.12
N THR A 365 -13.83 5.90 -35.99
CA THR A 365 -12.66 5.05 -35.96
C THR A 365 -13.06 3.58 -35.90
N THR A 366 -12.49 2.78 -36.80
CA THR A 366 -12.66 1.34 -36.85
C THR A 366 -11.56 0.66 -36.03
N PRO A 367 -11.75 -0.62 -35.68
CA PRO A 367 -10.68 -1.34 -34.97
C PRO A 367 -9.35 -1.34 -35.73
N LEU A 368 -9.40 -1.33 -37.07
CA LEU A 368 -8.15 -1.23 -37.83
C LEU A 368 -7.53 0.16 -37.71
N HIS A 369 -8.35 1.19 -37.56
CA HIS A 369 -7.82 2.53 -37.32
C HIS A 369 -7.02 2.58 -36.02
N LEU A 370 -7.58 2.04 -34.95
CA LEU A 370 -6.89 2.06 -33.66
C LEU A 370 -5.67 1.15 -33.66
N ALA A 371 -5.74 0.02 -34.37
CA ALA A 371 -4.62 -0.91 -34.38
C ALA A 371 -3.43 -0.35 -35.13
N ALA A 372 -3.68 0.41 -36.20
CA ALA A 372 -2.57 0.99 -36.97
C ALA A 372 -1.94 2.17 -36.25
N THR A 373 -2.71 2.92 -35.46
CA THR A 373 -2.16 4.07 -34.75
C THR A 373 -1.23 3.63 -33.63
N MET A 374 -1.60 2.58 -32.90
CA MET A 374 -0.75 2.07 -31.82
C MET A 374 0.45 1.31 -32.37
N GLY A 375 0.23 0.48 -33.39
CA GLY A 375 1.32 -0.25 -34.00
C GLY A 375 1.35 -1.73 -33.71
N HIS A 376 0.18 -2.33 -33.46
CA HIS A 376 0.07 -3.75 -33.16
C HIS A 376 0.06 -4.53 -34.47
N LEU A 377 1.25 -4.98 -34.89
CA LEU A 377 1.37 -5.66 -36.17
C LEU A 377 0.55 -6.94 -36.21
N GLU A 378 0.55 -7.70 -35.12
CA GLU A 378 -0.15 -8.98 -35.10
C GLU A 378 -1.66 -8.78 -35.24
N ILE A 379 -2.21 -7.73 -34.63
CA ILE A 379 -3.65 -7.51 -34.66
C ILE A 379 -4.10 -7.01 -36.03
N VAL A 380 -3.29 -6.13 -36.64
CA VAL A 380 -3.62 -5.62 -37.98
C VAL A 380 -3.69 -6.76 -38.98
N GLU A 381 -2.80 -7.76 -38.81
CA GLU A 381 -2.84 -8.92 -39.70
C GLU A 381 -4.14 -9.69 -39.55
N VAL A 382 -4.58 -9.92 -38.32
CA VAL A 382 -5.78 -10.72 -38.09
C VAL A 382 -7.03 -9.98 -38.52
N LEU A 383 -7.07 -8.66 -38.29
CA LEU A 383 -8.26 -7.88 -38.66
C LEU A 383 -8.49 -7.91 -40.16
N LEU A 384 -7.42 -7.72 -40.95
CA LEU A 384 -7.57 -7.74 -42.39
C LEU A 384 -7.91 -9.12 -42.93
N LYS A 385 -7.54 -10.18 -42.20
CA LYS A 385 -7.91 -11.52 -42.61
C LYS A 385 -9.40 -11.76 -42.49
N TYR A 386 -10.08 -11.04 -41.59
CA TYR A 386 -11.51 -11.19 -41.40
C TYR A 386 -12.32 -10.18 -42.19
N GLY A 387 -11.67 -9.30 -42.96
CA GLY A 387 -12.37 -8.41 -43.85
C GLY A 387 -12.45 -6.98 -43.39
N ALA A 388 -11.37 -6.46 -42.81
CA ALA A 388 -11.35 -5.07 -42.39
C ALA A 388 -11.27 -4.15 -43.60
N ASP A 389 -11.98 -3.02 -43.53
CA ASP A 389 -11.98 -2.06 -44.63
C ASP A 389 -10.66 -1.30 -44.63
N VAL A 390 -9.82 -1.56 -45.63
CA VAL A 390 -8.50 -0.95 -45.67
C VAL A 390 -8.56 0.52 -46.07
N ASN A 391 -9.69 0.96 -46.62
CA ASN A 391 -9.85 2.34 -47.07
C ASN A 391 -10.94 3.09 -46.30
N ALA A 392 -11.28 2.63 -45.10
CA ALA A 392 -12.27 3.33 -44.30
C ALA A 392 -11.70 4.63 -43.74
N TYR A 393 -12.59 5.60 -43.54
CA TYR A 393 -12.19 6.92 -43.07
C TYR A 393 -13.06 7.34 -41.89
N ASP A 394 -12.50 8.22 -41.06
CA ASP A 394 -13.17 8.75 -39.89
C ASP A 394 -13.66 10.16 -40.19
N LEU A 395 -13.99 10.92 -39.13
CA LEU A 395 -14.47 12.29 -39.32
C LEU A 395 -13.37 13.24 -39.75
N ASN A 396 -12.10 12.88 -39.56
CA ASN A 396 -10.99 13.65 -40.09
C ASN A 396 -10.59 13.22 -41.50
N GLY A 397 -11.28 12.23 -42.05
CA GLY A 397 -10.93 11.73 -43.37
C GLY A 397 -9.68 10.90 -43.42
N ALA A 398 -9.26 10.34 -42.29
CA ALA A 398 -8.01 9.58 -42.20
C ALA A 398 -8.28 8.10 -42.39
N THR A 399 -7.52 7.47 -43.28
CA THR A 399 -7.53 6.03 -43.47
C THR A 399 -6.51 5.38 -42.55
N PRO A 400 -6.57 4.05 -42.39
CA PRO A 400 -5.52 3.38 -41.60
C PRO A 400 -4.12 3.65 -42.12
N LEU A 401 -3.97 3.91 -43.42
CA LEU A 401 -2.67 4.28 -43.96
C LEU A 401 -2.28 5.70 -43.55
N HIS A 402 -3.27 6.59 -43.41
CA HIS A 402 -2.97 7.95 -42.96
C HIS A 402 -2.45 7.96 -41.52
N LEU A 403 -3.05 7.15 -40.65
CA LEU A 403 -2.64 7.14 -39.25
C LEU A 403 -1.30 6.42 -39.06
N ALA A 404 -1.07 5.33 -39.80
CA ALA A 404 0.18 4.59 -39.68
C ALA A 404 1.37 5.43 -40.14
N ALA A 405 1.16 6.30 -41.13
CA ALA A 405 2.24 7.16 -41.60
C ALA A 405 2.50 8.32 -40.63
N ARG A 406 1.48 8.82 -39.96
CA ARG A 406 1.68 9.93 -39.02
C ARG A 406 2.39 9.46 -37.76
N MET A 407 2.08 8.24 -37.30
CA MET A 407 2.78 7.69 -36.16
C MET A 407 4.10 7.04 -36.55
N GLY A 408 4.21 6.58 -37.80
CA GLY A 408 5.47 6.02 -38.29
C GLY A 408 5.62 4.53 -38.02
N HIS A 409 4.81 3.72 -38.69
CA HIS A 409 4.90 2.27 -38.59
C HIS A 409 5.08 1.70 -39.99
N VAL A 410 6.30 1.26 -40.30
CA VAL A 410 6.61 0.81 -41.65
C VAL A 410 6.06 -0.58 -41.92
N GLU A 411 6.11 -1.47 -40.93
CA GLU A 411 5.67 -2.85 -41.15
C GLU A 411 4.18 -2.93 -41.41
N ILE A 412 3.40 -2.10 -40.72
CA ILE A 412 1.95 -2.14 -40.89
C ILE A 412 1.54 -1.51 -42.22
N VAL A 413 2.25 -0.46 -42.65
CA VAL A 413 2.01 0.11 -43.98
C VAL A 413 2.27 -0.94 -45.05
N GLU A 414 3.23 -1.84 -44.81
CA GLU A 414 3.47 -2.94 -45.74
C GLU A 414 2.28 -3.88 -45.80
N VAL A 415 1.64 -4.13 -44.66
CA VAL A 415 0.49 -5.04 -44.64
C VAL A 415 -0.73 -4.37 -45.24
N LEU A 416 -0.94 -3.08 -44.93
CA LEU A 416 -2.08 -2.35 -45.49
C LEU A 416 -2.02 -2.30 -47.01
N LEU A 417 -0.83 -2.04 -47.56
CA LEU A 417 -0.68 -2.01 -49.02
C LEU A 417 -0.88 -3.39 -49.63
N LYS A 418 -0.53 -4.46 -48.90
CA LYS A 418 -0.78 -5.80 -49.39
C LYS A 418 -2.27 -6.12 -49.47
N TYR A 419 -3.09 -5.44 -48.67
CA TYR A 419 -4.53 -5.62 -48.70
C TYR A 419 -5.25 -4.53 -49.49
N GLY A 420 -4.51 -3.69 -50.21
CA GLY A 420 -5.12 -2.74 -51.11
C GLY A 420 -5.31 -1.36 -50.53
N ALA A 421 -4.28 -0.82 -49.87
CA ALA A 421 -4.34 0.54 -49.36
C ALA A 421 -4.18 1.53 -50.49
N ASP A 422 -4.93 2.63 -50.44
CA ASP A 422 -4.94 3.65 -51.48
C ASP A 422 -4.05 4.82 -51.03
N VAL A 423 -2.90 4.96 -51.68
CA VAL A 423 -1.99 6.06 -51.35
C VAL A 423 -2.54 7.38 -51.87
N ASN A 424 -3.30 7.35 -52.96
CA ASN A 424 -3.84 8.57 -53.58
C ASN A 424 -5.00 9.17 -52.79
N ALA A 425 -5.40 8.58 -51.67
CA ALA A 425 -6.52 9.10 -50.90
C ALA A 425 -6.12 10.38 -50.17
N GLN A 426 -7.06 11.32 -50.10
CA GLN A 426 -6.87 12.58 -49.41
C GLN A 426 -7.83 12.69 -48.23
N ASP A 427 -7.39 13.38 -47.18
CA ASP A 427 -8.20 13.57 -45.99
C ASP A 427 -8.97 14.89 -46.10
N LYS A 428 -9.49 15.39 -44.97
CA LYS A 428 -10.22 16.64 -44.98
C LYS A 428 -9.33 17.85 -45.23
N PHE A 429 -8.04 17.75 -44.90
CA PHE A 429 -7.10 18.85 -45.16
C PHE A 429 -6.56 18.83 -46.57
N GLY A 430 -6.60 17.68 -47.25
CA GLY A 430 -6.06 17.54 -48.59
C GLY A 430 -4.77 16.76 -48.65
N LYS A 431 -4.23 16.32 -47.53
CA LYS A 431 -2.97 15.60 -47.52
C LYS A 431 -3.18 14.12 -47.80
N THR A 432 -2.15 13.48 -48.34
CA THR A 432 -2.16 12.06 -48.65
C THR A 432 -1.19 11.33 -47.71
N ALA A 433 -1.13 10.00 -47.86
CA ALA A 433 -0.21 9.21 -47.05
C ALA A 433 1.23 9.62 -47.29
N PHE A 434 1.57 10.02 -48.52
CA PHE A 434 2.91 10.46 -48.84
C PHE A 434 3.21 11.86 -48.30
N ASP A 435 2.17 12.66 -48.04
CA ASP A 435 2.40 14.04 -47.62
C ASP A 435 2.90 14.11 -46.18
N ILE A 436 2.30 13.33 -45.28
CA ILE A 436 2.73 13.36 -43.88
C ILE A 436 4.13 12.78 -43.72
N SER A 437 4.52 11.84 -44.61
CA SER A 437 5.86 11.29 -44.55
C SER A 437 6.92 12.37 -44.75
N ILE A 438 6.62 13.37 -45.58
CA ILE A 438 7.57 14.46 -45.78
C ILE A 438 7.38 15.54 -44.71
N ASP A 439 6.16 15.73 -44.23
CA ASP A 439 5.91 16.73 -43.20
C ASP A 439 6.57 16.35 -41.88
N ASN A 440 6.51 15.06 -41.51
CA ASN A 440 7.18 14.61 -40.29
C ASN A 440 8.68 14.47 -40.51
N GLY A 441 9.09 13.91 -41.65
CA GLY A 441 10.50 13.74 -41.95
C GLY A 441 10.97 12.31 -41.87
N ASN A 442 10.28 11.41 -42.57
CA ASN A 442 10.62 10.00 -42.60
C ASN A 442 10.82 9.58 -44.05
N GLU A 443 12.08 9.44 -44.47
CA GLU A 443 12.38 8.96 -45.82
C GLU A 443 12.13 7.46 -45.97
N ASP A 444 12.08 6.71 -44.87
CA ASP A 444 11.81 5.28 -44.96
C ASP A 444 10.37 5.03 -45.37
N LEU A 445 9.42 5.81 -44.84
CA LEU A 445 8.02 5.66 -45.23
C LEU A 445 7.80 6.13 -46.66
N ALA A 446 8.49 7.19 -47.08
CA ALA A 446 8.35 7.69 -48.44
C ALA A 446 8.91 6.73 -49.48
N GLU A 447 9.79 5.81 -49.08
CA GLU A 447 10.35 4.85 -50.01
C GLU A 447 9.30 3.86 -50.49
N ILE A 448 8.43 3.41 -49.58
CA ILE A 448 7.44 2.40 -49.94
C ILE A 448 6.23 3.06 -50.61
N LEU A 449 5.84 4.26 -50.14
CA LEU A 449 4.66 4.92 -50.68
C LEU A 449 4.85 5.33 -52.13
N GLN A 450 6.05 5.79 -52.49
CA GLN A 450 6.25 6.32 -53.83
C GLN A 450 6.29 5.22 -54.89
N ALA A 451 6.60 3.98 -54.49
CA ALA A 451 6.61 2.85 -55.40
C ALA A 451 5.22 2.23 -55.57
N ALA A 452 4.36 2.34 -54.58
CA ALA A 452 3.03 1.75 -54.65
C ALA A 452 1.97 2.72 -55.16
N ALA A 453 2.30 4.01 -55.27
CA ALA A 453 1.32 5.00 -55.70
C ALA A 453 1.04 4.91 -57.20
N LEU A 454 2.09 4.67 -58.01
CA LEU A 454 1.93 4.61 -59.45
C LEU A 454 1.52 3.21 -59.93
N GLU A 455 2.18 2.17 -59.43
CA GLU A 455 1.86 0.81 -59.83
C GLU A 455 1.49 -0.05 -58.62
N ASP B 6 4.54 22.89 -10.95
CA ASP B 6 4.47 23.54 -12.26
C ASP B 6 5.86 23.86 -12.85
N PRO B 7 6.79 24.42 -12.06
CA PRO B 7 8.14 24.62 -12.61
C PRO B 7 8.85 23.31 -12.93
N LYS B 8 8.67 22.28 -12.10
CA LYS B 8 9.25 20.98 -12.41
C LYS B 8 8.39 20.21 -13.41
N PHE B 9 7.09 20.51 -13.47
CA PHE B 9 6.23 19.84 -14.45
C PHE B 9 6.62 20.23 -15.87
N GLU B 10 7.06 21.47 -16.07
CA GLU B 10 7.49 21.90 -17.40
C GLU B 10 8.73 21.14 -17.85
N SER B 11 9.72 21.03 -16.97
CA SER B 11 10.95 20.31 -17.30
C SER B 11 10.69 18.83 -17.56
N LYS B 12 9.73 18.23 -16.83
CA LYS B 12 9.42 16.82 -17.04
C LYS B 12 8.70 16.61 -18.36
N ALA B 13 7.77 17.50 -18.72
CA ALA B 13 7.05 17.36 -19.98
C ALA B 13 7.98 17.49 -21.17
N ALA B 14 9.03 18.32 -21.05
CA ALA B 14 9.98 18.47 -22.15
C ALA B 14 10.75 17.19 -22.42
N LEU B 15 11.04 16.42 -21.38
CA LEU B 15 11.75 15.15 -21.56
C LEU B 15 10.90 14.15 -22.34
N LEU B 16 9.60 14.05 -22.00
CA LEU B 16 8.73 13.09 -22.66
C LEU B 16 8.44 13.51 -24.10
N ALA B 17 8.28 14.82 -24.34
CA ALA B 17 7.97 15.29 -25.69
C ALA B 17 9.11 15.03 -26.65
N ALA B 18 10.36 15.17 -26.18
CA ALA B 18 11.50 14.88 -27.04
C ALA B 18 11.60 13.40 -27.36
N ARG B 19 11.18 12.53 -26.45
CA ARG B 19 11.23 11.10 -26.70
C ARG B 19 10.17 10.67 -27.71
N GLY B 20 8.91 11.08 -27.49
CA GLY B 20 7.83 10.67 -28.34
C GLY B 20 6.83 11.77 -28.63
N PRO B 21 7.09 12.54 -29.68
CA PRO B 21 6.15 13.59 -30.09
C PRO B 21 4.97 13.01 -30.86
N GLU B 22 4.01 13.89 -31.13
CA GLU B 22 2.80 13.60 -31.91
C GLU B 22 1.88 12.58 -31.24
N GLU B 23 2.15 12.21 -29.99
CA GLU B 23 1.35 11.22 -29.29
C GLU B 23 0.98 11.73 -27.90
N LEU B 24 -0.17 11.28 -27.41
CA LEU B 24 -0.61 11.65 -26.07
C LEU B 24 0.32 11.03 -25.03
N LEU B 25 0.86 11.86 -24.15
CA LEU B 25 1.80 11.43 -23.13
C LEU B 25 1.21 11.69 -21.75
N CYS B 26 1.21 10.67 -20.90
CA CYS B 26 0.71 10.77 -19.53
C CYS B 26 1.79 10.31 -18.58
N PHE B 27 1.97 11.05 -17.48
CA PHE B 27 3.00 10.75 -16.50
C PHE B 27 2.49 11.07 -15.10
N THR B 28 3.12 10.46 -14.11
CA THR B 28 2.76 10.67 -12.70
C THR B 28 4.02 10.76 -11.86
N GLU B 29 4.17 11.87 -11.12
CA GLU B 29 5.27 11.92 -10.16
C GLU B 29 5.00 10.99 -8.98
N ARG B 30 3.75 10.98 -8.51
CA ARG B 30 3.31 10.03 -7.50
C ARG B 30 2.01 9.37 -7.96
N LEU B 31 1.69 8.25 -7.32
CA LEU B 31 0.49 7.51 -7.69
C LEU B 31 -0.78 8.34 -7.55
N GLU B 32 -0.77 9.35 -6.68
CA GLU B 32 -1.96 10.13 -6.42
C GLU B 32 -2.36 10.98 -7.61
N ASP B 33 -1.38 11.57 -8.30
CA ASP B 33 -1.66 12.51 -9.38
C ASP B 33 -1.48 11.83 -10.73
N LEU B 34 -1.86 12.56 -11.79
CA LEU B 34 -1.71 12.11 -13.16
C LEU B 34 -1.94 13.27 -14.13
N VAL B 35 -1.00 13.50 -15.04
CA VAL B 35 -1.07 14.61 -15.99
C VAL B 35 -0.89 14.04 -17.40
N CYS B 36 -1.78 14.43 -18.31
CA CYS B 36 -1.71 14.04 -19.71
C CYS B 36 -1.59 15.29 -20.58
N PHE B 37 -0.68 15.25 -21.54
CA PHE B 37 -0.47 16.39 -22.43
C PHE B 37 -0.10 15.90 -23.82
N TRP B 38 -0.20 16.81 -24.78
CA TRP B 38 0.23 16.54 -26.15
C TRP B 38 0.57 17.86 -26.82
N GLU B 39 1.60 17.86 -27.66
CA GLU B 39 2.04 19.06 -28.36
C GLU B 39 1.46 19.08 -29.76
N GLU B 40 0.71 20.12 -30.06
CA GLU B 40 0.04 20.31 -31.35
C GLU B 40 0.45 21.66 -31.93
N ALA B 41 0.52 21.73 -33.26
CA ALA B 41 0.89 22.97 -33.92
C ALA B 41 -0.16 24.04 -33.66
N ALA B 42 0.29 25.29 -33.58
CA ALA B 42 -0.56 26.39 -33.17
C ALA B 42 -1.65 26.68 -34.20
N SER B 43 -2.89 26.75 -33.74
CA SER B 43 -4.04 27.11 -34.56
C SER B 43 -4.65 28.37 -34.00
N ALA B 44 -4.85 29.38 -34.87
CA ALA B 44 -5.38 30.66 -34.42
C ALA B 44 -6.83 30.55 -33.94
N GLY B 45 -7.58 29.57 -34.44
CA GLY B 45 -8.97 29.40 -34.06
C GLY B 45 -9.14 29.00 -32.60
N GLY B 49 -10.89 25.49 -25.87
CA GLY B 49 -12.10 24.71 -25.93
C GLY B 49 -12.26 23.93 -27.22
N GLN B 50 -11.15 23.79 -27.96
CA GLN B 50 -11.20 23.07 -29.23
C GLN B 50 -11.33 21.57 -29.01
N TYR B 51 -10.84 21.05 -27.88
CA TYR B 51 -10.83 19.63 -27.61
C TYR B 51 -11.49 19.36 -26.26
N SER B 52 -11.96 18.12 -26.09
CA SER B 52 -12.61 17.69 -24.86
C SER B 52 -11.93 16.42 -24.37
N PHE B 53 -11.47 16.45 -23.12
CA PHE B 53 -10.77 15.31 -22.51
C PHE B 53 -11.77 14.49 -21.71
N SER B 54 -11.86 13.20 -22.02
CA SER B 54 -12.77 12.28 -21.35
C SER B 54 -11.98 11.11 -20.77
N TYR B 55 -12.26 10.76 -19.52
CA TYR B 55 -11.57 9.67 -18.84
C TYR B 55 -12.61 8.84 -18.07
N GLN B 56 -12.30 7.55 -17.91
CA GLN B 56 -13.19 6.65 -17.21
C GLN B 56 -12.37 5.66 -16.39
N LEU B 57 -12.75 5.48 -15.13
CA LEU B 57 -12.08 4.57 -14.21
C LEU B 57 -12.83 3.24 -14.20
N GLU B 58 -12.35 2.30 -13.38
CA GLU B 58 -12.98 0.99 -13.28
C GLU B 58 -14.24 1.10 -12.44
N ASP B 59 -15.35 0.58 -12.98
CA ASP B 59 -16.65 0.57 -12.30
C ASP B 59 -17.10 1.97 -11.93
N GLU B 60 -16.88 2.93 -12.83
CA GLU B 60 -17.19 4.33 -12.62
C GLU B 60 -17.66 4.96 -13.92
N PRO B 61 -18.43 6.04 -13.85
CA PRO B 61 -18.96 6.66 -15.07
C PRO B 61 -17.93 7.56 -15.75
N TRP B 62 -18.24 7.89 -17.00
CA TRP B 62 -17.38 8.75 -17.79
C TRP B 62 -17.42 10.18 -17.26
N LYS B 63 -16.24 10.79 -17.11
CA LYS B 63 -16.10 12.14 -16.63
C LYS B 63 -15.22 12.93 -17.60
N LEU B 64 -15.26 14.25 -17.46
CA LEU B 64 -14.49 15.16 -18.31
C LEU B 64 -13.53 15.98 -17.47
N CYS B 65 -12.33 16.20 -18.00
CA CYS B 65 -11.27 16.94 -17.33
C CYS B 65 -11.12 18.33 -17.93
N ARG B 66 -10.62 19.26 -17.12
CA ARG B 66 -10.39 20.63 -17.57
C ARG B 66 -9.14 20.68 -18.43
N LEU B 67 -9.28 21.20 -19.66
CA LEU B 67 -8.18 21.31 -20.59
C LEU B 67 -7.51 22.68 -20.44
N HIS B 68 -6.17 22.68 -20.45
CA HIS B 68 -5.38 23.89 -20.32
C HIS B 68 -4.55 24.08 -21.58
N GLN B 69 -4.56 25.30 -22.12
CA GLN B 69 -3.78 25.63 -23.31
C GLN B 69 -2.56 26.45 -22.89
N ALA B 70 -1.38 26.02 -23.35
CA ALA B 70 -0.15 26.71 -23.04
C ALA B 70 0.77 26.64 -24.25
N PRO B 71 1.28 27.78 -24.72
CA PRO B 71 2.21 27.76 -25.86
C PRO B 71 3.62 27.42 -25.42
N THR B 72 4.30 26.61 -26.22
CA THR B 72 5.66 26.17 -25.91
C THR B 72 6.39 25.85 -27.19
N ALA B 73 7.70 25.62 -27.05
CA ALA B 73 8.60 25.27 -28.16
C ALA B 73 8.54 26.41 -29.19
N ARG B 74 8.53 26.10 -30.49
CA ARG B 74 8.48 27.10 -31.54
C ARG B 74 7.15 26.99 -32.27
N GLY B 75 6.30 28.01 -32.11
CA GLY B 75 4.99 28.02 -32.76
C GLY B 75 4.15 26.80 -32.48
N ALA B 76 4.17 26.32 -31.24
CA ALA B 76 3.40 25.14 -30.86
C ALA B 76 2.61 25.45 -29.59
N VAL B 77 1.52 24.71 -29.41
CA VAL B 77 0.67 24.84 -28.23
C VAL B 77 0.54 23.47 -27.59
N ARG B 78 0.69 23.42 -26.27
CA ARG B 78 0.64 22.18 -25.49
C ARG B 78 -0.63 22.17 -24.66
N PHE B 79 -1.59 21.32 -25.04
CA PHE B 79 -2.81 21.13 -24.28
C PHE B 79 -2.59 20.04 -23.24
N TRP B 80 -2.79 20.38 -21.96
CA TRP B 80 -2.57 19.45 -20.88
C TRP B 80 -3.74 19.48 -19.89
N CYS B 81 -3.99 18.35 -19.25
CA CYS B 81 -5.03 18.21 -18.25
C CYS B 81 -4.48 17.45 -17.06
N SER B 82 -4.87 17.86 -15.86
CA SER B 82 -4.46 17.21 -14.62
C SER B 82 -5.68 16.56 -14.00
N LEU B 83 -5.70 15.23 -13.98
CA LEU B 83 -6.85 14.50 -13.44
C LEU B 83 -6.95 14.73 -11.93
N PRO B 84 -8.17 14.69 -11.39
CA PRO B 84 -8.34 14.89 -9.94
C PRO B 84 -7.67 13.78 -9.14
N THR B 85 -7.09 14.17 -8.00
CA THR B 85 -6.42 13.19 -7.16
C THR B 85 -7.37 12.12 -6.65
N ALA B 86 -8.63 12.49 -6.41
CA ALA B 86 -9.60 11.52 -5.89
C ALA B 86 -10.00 10.50 -6.94
N ASP B 87 -10.04 10.89 -8.21
CA ASP B 87 -10.42 9.95 -9.27
C ASP B 87 -9.29 9.01 -9.65
N THR B 88 -8.05 9.34 -9.32
CA THR B 88 -6.90 8.48 -9.64
C THR B 88 -6.86 7.27 -8.71
N SER B 89 -6.71 6.08 -9.31
CA SER B 89 -6.55 4.85 -8.55
C SER B 89 -5.66 3.93 -9.38
N SER B 90 -4.58 3.44 -8.76
CA SER B 90 -3.60 2.65 -9.48
C SER B 90 -4.04 1.20 -9.63
N PHE B 91 -3.36 0.49 -10.54
CA PHE B 91 -3.64 -0.91 -10.86
C PHE B 91 -5.02 -1.07 -11.48
N VAL B 92 -5.47 -0.05 -12.20
CA VAL B 92 -6.78 -0.02 -12.83
C VAL B 92 -6.65 0.53 -14.23
N PRO B 93 -7.28 -0.08 -15.23
CA PRO B 93 -7.21 0.46 -16.60
C PRO B 93 -7.99 1.76 -16.70
N LEU B 94 -7.31 2.80 -17.19
CA LEU B 94 -7.90 4.13 -17.35
C LEU B 94 -8.05 4.40 -18.84
N GLU B 95 -9.30 4.49 -19.30
CA GLU B 95 -9.58 4.75 -20.70
C GLU B 95 -9.67 6.25 -20.94
N LEU B 96 -8.79 6.77 -21.79
CA LEU B 96 -8.75 8.18 -22.13
C LEU B 96 -9.18 8.38 -23.58
N ARG B 97 -9.90 9.47 -23.84
CA ARG B 97 -10.35 9.80 -25.19
C ARG B 97 -10.37 11.31 -25.37
N VAL B 98 -9.61 11.80 -26.33
CA VAL B 98 -9.61 13.22 -26.68
C VAL B 98 -10.44 13.39 -27.94
N THR B 99 -11.51 14.19 -27.84
CA THR B 99 -12.43 14.40 -28.95
C THR B 99 -12.38 15.86 -29.38
N ALA B 100 -12.48 16.08 -30.69
CA ALA B 100 -12.44 17.42 -31.25
C ALA B 100 -13.77 18.15 -31.02
N ALA B 101 -13.77 19.45 -31.34
CA ALA B 101 -14.96 20.27 -31.17
C ALA B 101 -16.12 19.73 -32.02
N SER B 102 -15.83 19.36 -33.27
CA SER B 102 -16.87 18.81 -34.13
C SER B 102 -17.22 17.38 -33.79
N GLY B 103 -16.32 16.65 -33.15
CA GLY B 103 -16.55 15.26 -32.80
C GLY B 103 -15.55 14.34 -33.47
N ALA B 104 -14.45 14.92 -33.95
CA ALA B 104 -13.43 14.16 -34.67
C ALA B 104 -12.50 13.46 -33.68
N PRO B 105 -11.94 12.31 -34.07
CA PRO B 105 -11.05 11.58 -33.16
C PRO B 105 -9.66 12.20 -33.12
N ARG B 106 -9.19 12.49 -31.90
CA ARG B 106 -7.85 13.03 -31.70
C ARG B 106 -6.92 12.02 -31.05
N TYR B 107 -7.29 11.47 -29.90
CA TYR B 107 -6.47 10.48 -29.21
C TYR B 107 -7.38 9.47 -28.52
N HIS B 108 -6.86 8.26 -28.35
CA HIS B 108 -7.59 7.19 -27.67
C HIS B 108 -6.55 6.23 -27.10
N ARG B 109 -6.46 6.15 -25.78
CA ARG B 109 -5.45 5.31 -25.13
C ARG B 109 -6.03 4.71 -23.86
N VAL B 110 -5.53 3.55 -23.50
CA VAL B 110 -5.87 2.88 -22.25
C VAL B 110 -4.57 2.64 -21.50
N ILE B 111 -4.37 3.37 -20.40
CA ILE B 111 -3.13 3.30 -19.64
C ILE B 111 -3.46 2.99 -18.18
N HIS B 112 -2.45 2.49 -17.48
CA HIS B 112 -2.54 2.22 -16.05
C HIS B 112 -1.65 3.22 -15.31
N ILE B 113 -2.18 3.81 -14.24
CA ILE B 113 -1.47 4.85 -13.52
C ILE B 113 -0.13 4.33 -12.99
N ASN B 114 -0.10 3.09 -12.52
CA ASN B 114 1.12 2.51 -11.98
C ASN B 114 2.16 2.21 -13.06
N GLU B 115 1.79 2.27 -14.33
CA GLU B 115 2.70 1.97 -15.44
C GLU B 115 3.26 3.22 -16.11
N VAL B 116 2.88 4.41 -15.66
CA VAL B 116 3.33 5.66 -16.27
C VAL B 116 4.01 6.54 -15.24
N VAL B 117 4.82 5.93 -14.37
CA VAL B 117 5.50 6.68 -13.31
C VAL B 117 6.75 7.35 -13.89
N LEU B 118 6.89 8.64 -13.61
CA LEU B 118 8.06 9.41 -14.01
C LEU B 118 8.67 10.04 -12.77
N LEU B 119 9.73 9.43 -12.24
CA LEU B 119 10.34 9.89 -11.00
C LEU B 119 11.17 11.14 -11.23
N ASP B 120 11.63 11.73 -10.14
CA ASP B 120 12.52 12.88 -10.20
C ASP B 120 13.97 12.42 -10.30
N ALA B 121 14.84 13.36 -10.65
CA ALA B 121 16.25 13.03 -10.80
C ALA B 121 16.87 12.76 -9.43
N PRO B 122 17.76 11.78 -9.32
CA PRO B 122 18.43 11.52 -8.04
C PRO B 122 19.36 12.67 -7.66
N VAL B 123 19.68 12.72 -6.36
CA VAL B 123 20.51 13.79 -5.81
C VAL B 123 21.61 13.16 -4.96
N GLY B 124 22.53 14.02 -4.52
CA GLY B 124 23.62 13.59 -3.66
C GLY B 124 24.64 12.70 -4.34
N LEU B 125 24.94 12.96 -5.61
CA LEU B 125 25.89 12.17 -6.37
C LEU B 125 27.31 12.54 -5.93
N VAL B 126 28.07 11.55 -5.48
CA VAL B 126 29.43 11.75 -5.00
C VAL B 126 30.32 10.70 -5.66
N ALA B 127 31.37 11.15 -6.33
CA ALA B 127 32.35 10.28 -6.97
C ALA B 127 33.66 10.32 -6.19
N ARG B 128 34.27 9.15 -5.99
CA ARG B 128 35.50 9.04 -5.23
C ARG B 128 36.45 8.09 -5.96
N LEU B 129 37.74 8.41 -5.89
CA LEU B 129 38.77 7.57 -6.48
C LEU B 129 39.15 6.46 -5.51
N ALA B 130 39.04 5.21 -5.96
CA ALA B 130 39.39 4.06 -5.16
C ALA B 130 40.88 3.77 -5.26
N ASP B 131 41.49 3.41 -4.14
CA ASP B 131 42.93 3.16 -4.12
C ASP B 131 43.31 1.86 -4.83
N GLU B 132 42.34 1.04 -5.20
CA GLU B 132 42.60 -0.25 -5.83
C GLU B 132 42.51 -0.10 -7.34
N SER B 133 43.67 -0.25 -8.02
CA SER B 133 43.77 -0.26 -9.47
C SER B 133 43.43 1.08 -10.12
N GLY B 134 42.70 1.93 -9.41
CA GLY B 134 42.37 3.25 -9.93
C GLY B 134 40.95 3.34 -10.44
N HIS B 135 40.03 2.70 -9.74
CA HIS B 135 38.62 2.69 -10.10
C HIS B 135 37.89 3.84 -9.40
N VAL B 136 36.61 4.01 -9.72
CA VAL B 136 35.78 5.09 -9.17
C VAL B 136 34.59 4.49 -8.44
N VAL B 137 34.31 5.03 -7.25
CA VAL B 137 33.18 4.60 -6.42
C VAL B 137 32.14 5.71 -6.45
N LEU B 138 30.94 5.37 -6.95
CA LEU B 138 29.83 6.31 -7.02
C LEU B 138 28.80 6.00 -5.94
N ARG B 139 28.33 7.04 -5.26
CA ARG B 139 27.28 6.93 -4.25
C ARG B 139 26.27 8.04 -4.47
N TRP B 140 25.00 7.67 -4.54
CA TRP B 140 23.92 8.63 -4.76
C TRP B 140 22.74 8.29 -3.86
N LEU B 141 21.79 9.22 -3.81
CA LEU B 141 20.58 9.07 -3.00
C LEU B 141 19.34 9.09 -3.90
N PRO B 142 18.25 8.46 -3.46
CA PRO B 142 17.02 8.45 -4.27
C PRO B 142 16.44 9.86 -4.41
N PRO B 143 15.53 10.07 -5.36
CA PRO B 143 14.92 11.39 -5.53
C PRO B 143 14.20 11.85 -4.27
N PRO B 144 14.23 13.14 -3.98
CA PRO B 144 13.66 13.63 -2.72
C PRO B 144 12.15 13.44 -2.66
N GLU B 145 11.66 13.08 -1.48
CA GLU B 145 10.23 12.90 -1.19
C GLU B 145 9.58 11.98 -2.22
N THR B 146 10.05 10.73 -2.25
CA THR B 146 9.53 9.72 -3.15
C THR B 146 9.33 8.42 -2.37
N PRO B 147 8.14 7.85 -2.40
CA PRO B 147 7.87 6.60 -1.70
C PRO B 147 8.44 5.42 -2.49
N MET B 148 8.33 4.22 -1.90
CA MET B 148 8.81 2.99 -2.51
C MET B 148 10.31 3.07 -2.83
N THR B 149 11.09 3.39 -1.80
CA THR B 149 12.53 3.55 -1.97
C THR B 149 13.18 2.24 -2.42
N SER B 150 12.74 1.12 -1.87
CA SER B 150 13.36 -0.18 -2.14
C SER B 150 13.06 -0.72 -3.54
N HIS B 151 12.23 -0.04 -4.33
CA HIS B 151 11.83 -0.54 -5.65
C HIS B 151 12.32 0.36 -6.78
N ILE B 152 13.28 1.25 -6.51
CA ILE B 152 13.80 2.16 -7.52
C ILE B 152 15.02 1.53 -8.18
N ARG B 153 15.03 1.53 -9.51
CA ARG B 153 16.15 1.05 -10.31
C ARG B 153 16.91 2.23 -10.89
N TYR B 154 18.23 2.08 -11.01
CA TYR B 154 19.10 3.16 -11.43
C TYR B 154 19.92 2.77 -12.64
N GLU B 155 20.58 3.77 -13.23
CA GLU B 155 21.43 3.58 -14.40
C GLU B 155 22.41 4.74 -14.47
N VAL B 156 23.71 4.45 -14.42
CA VAL B 156 24.74 5.48 -14.44
C VAL B 156 25.31 5.60 -15.84
N ASP B 157 25.73 6.82 -16.20
CA ASP B 157 26.31 7.11 -17.50
C ASP B 157 27.73 7.66 -17.31
N VAL B 158 28.72 6.90 -17.76
CA VAL B 158 30.11 7.33 -17.68
C VAL B 158 30.47 7.98 -19.01
N SER B 159 30.60 9.31 -19.00
CA SER B 159 30.89 10.07 -20.22
C SER B 159 32.35 10.49 -20.25
N ALA B 160 32.95 10.39 -21.43
CA ALA B 160 34.33 10.83 -21.63
C ALA B 160 34.39 12.33 -21.83
N GLY B 161 35.40 12.96 -21.22
CA GLY B 161 35.51 14.41 -21.29
C GLY B 161 35.81 14.92 -22.69
N GLN B 162 36.85 14.38 -23.31
CA GLN B 162 37.28 14.87 -24.61
C GLN B 162 36.44 14.26 -25.73
N GLY B 163 36.01 15.11 -26.67
CA GLY B 163 35.25 14.65 -27.80
C GLY B 163 33.88 14.11 -27.40
N ALA B 164 33.37 13.20 -28.23
CA ALA B 164 32.07 12.58 -27.97
C ALA B 164 32.23 11.56 -26.85
N GLY B 165 31.67 11.86 -25.69
CA GLY B 165 31.80 10.99 -24.54
C GLY B 165 30.54 10.26 -24.15
N SER B 166 30.47 8.97 -24.49
CA SER B 166 29.35 8.12 -24.09
C SER B 166 29.82 6.67 -23.99
N VAL B 167 31.00 6.46 -23.39
CA VAL B 167 31.67 5.17 -23.49
C VAL B 167 30.93 4.10 -22.69
N GLN B 168 30.44 4.43 -21.49
CA GLN B 168 29.96 3.42 -20.56
C GLN B 168 28.61 3.83 -19.98
N ARG B 169 27.71 2.85 -19.88
CA ARG B 169 26.41 3.03 -19.23
C ARG B 169 26.06 1.74 -18.50
N VAL B 170 26.08 1.77 -17.17
CA VAL B 170 25.89 0.59 -16.33
C VAL B 170 24.52 0.65 -15.68
N GLU B 171 23.78 -0.46 -15.74
CA GLU B 171 22.50 -0.58 -15.07
C GLU B 171 22.71 -1.10 -13.65
N ILE B 172 22.14 -0.41 -12.67
CA ILE B 172 22.26 -0.78 -11.27
C ILE B 172 21.03 -1.58 -10.87
N LEU B 173 21.25 -2.66 -10.11
CA LEU B 173 20.12 -3.47 -9.63
C LEU B 173 19.30 -2.69 -8.62
N GLU B 174 18.00 -3.00 -8.56
CA GLU B 174 17.09 -2.29 -7.68
C GLU B 174 17.45 -2.50 -6.22
N GLY B 175 17.37 -1.43 -5.44
CA GLY B 175 17.56 -1.46 -4.00
C GLY B 175 18.90 -0.94 -3.51
N ARG B 176 19.93 -1.00 -4.33
CA ARG B 176 21.24 -0.49 -3.94
C ARG B 176 21.47 0.88 -4.57
N THR B 177 22.11 1.76 -3.82
CA THR B 177 22.31 3.15 -4.24
C THR B 177 23.79 3.49 -4.45
N GLU B 178 24.63 2.48 -4.67
CA GLU B 178 26.04 2.73 -4.90
C GLU B 178 26.61 1.63 -5.78
N CYS B 179 27.68 1.95 -6.50
CA CYS B 179 28.33 1.01 -7.41
C CYS B 179 29.80 1.34 -7.52
N VAL B 180 30.58 0.36 -7.94
CA VAL B 180 32.02 0.52 -8.16
C VAL B 180 32.29 0.31 -9.65
N LEU B 181 32.72 1.38 -10.32
CA LEU B 181 32.96 1.34 -11.76
C LEU B 181 34.37 0.85 -12.03
N SER B 182 34.54 0.19 -13.17
CA SER B 182 35.83 -0.37 -13.56
C SER B 182 36.15 -0.01 -15.00
N ASN B 183 37.39 -0.31 -15.40
CA ASN B 183 37.86 -0.16 -16.77
C ASN B 183 37.76 1.29 -17.23
N LEU B 184 38.54 2.15 -16.58
CA LEU B 184 38.64 3.56 -16.94
C LEU B 184 40.10 3.90 -17.19
N ARG B 185 40.35 4.62 -18.29
CA ARG B 185 41.72 4.99 -18.65
C ARG B 185 42.21 6.14 -17.80
N GLY B 186 43.50 6.12 -17.46
CA GLY B 186 44.06 7.15 -16.64
C GLY B 186 44.26 8.45 -17.38
N ARG B 187 44.41 9.53 -16.61
CA ARG B 187 44.62 10.88 -17.15
C ARG B 187 43.48 11.28 -18.08
N THR B 188 42.26 10.91 -17.69
CA THR B 188 41.06 11.24 -18.47
C THR B 188 39.95 11.66 -17.52
N ARG B 189 39.27 12.76 -17.86
CA ARG B 189 38.20 13.29 -17.02
C ARG B 189 36.90 12.58 -17.38
N TYR B 190 36.36 11.82 -16.44
CA TYR B 190 35.09 11.11 -16.64
C TYR B 190 33.99 11.86 -15.90
N THR B 191 32.87 12.06 -16.57
CA THR B 191 31.71 12.73 -15.99
C THR B 191 30.60 11.71 -15.77
N PHE B 192 30.05 11.70 -14.56
CA PHE B 192 29.08 10.69 -14.17
C PHE B 192 27.71 11.32 -13.90
N ALA B 193 26.67 10.58 -14.22
CA ALA B 193 25.29 10.96 -13.95
C ALA B 193 24.45 9.70 -13.82
N VAL B 194 23.44 9.74 -12.96
CA VAL B 194 22.65 8.57 -12.61
C VAL B 194 21.19 8.82 -13.00
N ARG B 195 20.54 7.77 -13.50
CA ARG B 195 19.13 7.77 -13.88
C ARG B 195 18.29 7.07 -12.81
N ALA B 196 16.97 7.18 -12.94
CA ALA B 196 16.07 6.55 -11.98
C ALA B 196 14.75 6.18 -12.65
N ARG B 197 14.21 5.03 -12.26
CA ARG B 197 12.89 4.60 -12.73
C ARG B 197 12.35 3.54 -11.77
N MET B 198 11.04 3.35 -11.81
CA MET B 198 10.39 2.33 -10.98
C MET B 198 10.52 0.96 -11.62
N ALA B 199 11.05 0.01 -10.86
CA ALA B 199 11.35 -1.31 -11.40
C ALA B 199 10.09 -2.14 -11.61
N GLU B 200 10.18 -3.05 -12.57
CA GLU B 200 9.11 -3.99 -12.86
C GLU B 200 9.01 -5.02 -11.73
N PRO B 201 7.92 -5.79 -11.67
CA PRO B 201 6.74 -5.84 -12.55
C PRO B 201 5.53 -5.01 -12.09
N SER B 202 5.40 -4.77 -10.78
CA SER B 202 4.24 -4.06 -10.28
C SER B 202 4.22 -2.60 -10.74
N PHE B 203 5.39 -2.01 -11.00
CA PHE B 203 5.47 -0.62 -11.40
C PHE B 203 6.21 -0.51 -12.73
N GLY B 204 5.77 0.45 -13.56
CA GLY B 204 6.44 0.74 -14.81
C GLY B 204 6.42 2.23 -15.09
N GLY B 205 7.10 2.62 -16.16
CA GLY B 205 7.13 4.03 -16.53
C GLY B 205 8.31 4.32 -17.44
N PHE B 206 8.85 5.52 -17.30
CA PHE B 206 9.92 6.02 -18.14
C PHE B 206 11.12 6.41 -17.28
N TRP B 207 12.28 6.52 -17.93
CA TRP B 207 13.48 6.95 -17.24
C TRP B 207 13.37 8.42 -16.84
N SER B 208 13.88 8.73 -15.65
CA SER B 208 13.86 10.10 -15.16
C SER B 208 15.02 10.89 -15.78
N ALA B 209 15.03 12.20 -15.49
CA ALA B 209 16.10 13.04 -15.96
C ALA B 209 17.42 12.70 -15.25
N TRP B 210 18.52 13.02 -15.91
CA TRP B 210 19.83 12.72 -15.35
C TRP B 210 20.12 13.63 -14.16
N SER B 211 20.81 13.08 -13.17
CA SER B 211 21.19 13.85 -12.00
C SER B 211 22.23 14.91 -12.38
N GLU B 212 22.53 15.78 -11.42
CA GLU B 212 23.56 16.78 -11.62
C GLU B 212 24.89 16.08 -11.86
N PRO B 213 25.56 16.34 -12.97
CA PRO B 213 26.80 15.61 -13.27
C PRO B 213 27.90 15.90 -12.27
N VAL B 214 28.73 14.90 -12.01
CA VAL B 214 29.89 15.02 -11.14
C VAL B 214 31.10 14.52 -11.90
N SER B 215 32.10 15.38 -12.07
CA SER B 215 33.30 15.07 -12.84
C SER B 215 34.48 14.80 -11.89
N LEU B 216 35.36 13.90 -12.33
CA LEU B 216 36.54 13.49 -11.57
C LEU B 216 37.64 13.13 -12.57
N LEU B 217 38.88 13.50 -12.22
CA LEU B 217 40.05 13.25 -13.04
C LEU B 217 40.78 12.03 -12.49
N THR B 218 41.10 11.09 -13.37
CA THR B 218 41.74 9.84 -12.96
C THR B 218 43.26 9.98 -13.01
N PRO B 219 43.97 9.38 -12.04
CA PRO B 219 45.44 9.44 -12.06
C PRO B 219 46.03 8.56 -13.15
N SER B 220 47.35 8.53 -13.25
CA SER B 220 48.01 7.68 -14.23
C SER B 220 48.35 6.33 -13.61
N ASP B 221 48.13 5.27 -14.39
CA ASP B 221 48.38 3.91 -13.93
C ASP B 221 49.85 3.72 -13.54
N LYS C 8 12.37 -5.54 4.23
CA LYS C 8 13.29 -5.00 5.24
C LYS C 8 12.53 -4.52 6.47
N PHE C 9 12.29 -3.22 6.54
CA PHE C 9 11.53 -2.65 7.65
C PHE C 9 10.09 -3.13 7.66
N GLU C 10 9.50 -3.36 6.48
CA GLU C 10 8.13 -3.82 6.41
C GLU C 10 7.96 -5.21 7.03
N SER C 11 8.88 -6.13 6.72
CA SER C 11 8.77 -7.48 7.28
C SER C 11 8.90 -7.47 8.80
N LYS C 12 9.71 -6.57 9.36
CA LYS C 12 9.84 -6.51 10.81
C LYS C 12 8.59 -5.94 11.46
N ALA C 13 8.02 -4.89 10.86
CA ALA C 13 6.82 -4.27 11.44
C ALA C 13 5.64 -5.21 11.42
N ALA C 14 5.54 -6.09 10.41
CA ALA C 14 4.42 -7.01 10.33
C ALA C 14 4.43 -8.01 11.49
N LEU C 15 5.62 -8.42 11.94
CA LEU C 15 5.70 -9.34 13.07
C LEU C 15 5.22 -8.68 14.35
N LEU C 16 5.59 -7.42 14.57
CA LEU C 16 5.19 -6.74 15.79
C LEU C 16 3.69 -6.43 15.80
N ALA C 17 3.13 -6.09 14.64
CA ALA C 17 1.70 -5.81 14.57
C ALA C 17 0.88 -7.05 14.89
N ALA C 18 1.35 -8.22 14.45
CA ALA C 18 0.67 -9.46 14.78
C ALA C 18 0.74 -9.77 16.28
N ARG C 19 1.83 -9.35 16.94
CA ARG C 19 1.95 -9.58 18.38
C ARG C 19 0.97 -8.72 19.17
N GLY C 20 0.95 -7.42 18.89
CA GLY C 20 0.11 -6.50 19.62
C GLY C 20 -0.48 -5.43 18.73
N PRO C 21 -1.63 -5.70 18.14
CA PRO C 21 -2.30 -4.69 17.31
C PRO C 21 -2.97 -3.64 18.18
N GLU C 22 -3.41 -2.58 17.53
CA GLU C 22 -4.11 -1.46 18.17
C GLU C 22 -3.23 -0.74 19.19
N GLU C 23 -1.93 -1.01 19.21
CA GLU C 23 -1.02 -0.45 20.19
C GLU C 23 0.19 0.15 19.50
N LEU C 24 0.73 1.20 20.10
CA LEU C 24 1.92 1.86 19.57
C LEU C 24 3.14 0.95 19.73
N LEU C 25 3.83 0.68 18.63
CA LEU C 25 4.98 -0.21 18.62
C LEU C 25 6.21 0.56 18.17
N CYS C 26 7.29 0.46 18.95
CA CYS C 26 8.56 1.08 18.63
C CYS C 26 9.67 0.04 18.65
N PHE C 27 10.53 0.08 17.65
CA PHE C 27 11.61 -0.90 17.52
C PHE C 27 12.83 -0.21 16.93
N THR C 28 13.98 -0.85 17.09
CA THR C 28 15.23 -0.36 16.53
C THR C 28 16.02 -1.53 15.98
N GLU C 29 16.36 -1.47 14.69
CA GLU C 29 17.18 -2.51 14.08
C GLU C 29 18.62 -2.46 14.58
N ARG C 30 19.17 -1.24 14.69
CA ARG C 30 20.47 -1.02 15.29
C ARG C 30 20.34 0.09 16.32
N LEU C 31 21.35 0.23 17.17
CA LEU C 31 21.29 1.20 18.29
C LEU C 31 21.15 2.63 17.77
N GLU C 32 21.57 2.88 16.52
CA GLU C 32 21.56 4.24 16.01
C GLU C 32 20.14 4.76 15.76
N ASP C 33 19.26 3.92 15.22
CA ASP C 33 17.96 4.36 14.76
C ASP C 33 16.85 3.99 15.75
N LEU C 34 15.63 4.45 15.44
CA LEU C 34 14.42 4.15 16.19
C LEU C 34 13.19 4.52 15.38
N VAL C 35 12.27 3.57 15.20
CA VAL C 35 11.07 3.76 14.40
C VAL C 35 9.86 3.38 15.24
N CYS C 36 8.85 4.25 15.25
CA CYS C 36 7.59 4.01 15.94
C CYS C 36 6.47 4.03 14.91
N PHE C 37 5.58 3.05 14.99
CA PHE C 37 4.47 2.95 14.05
C PHE C 37 3.25 2.41 14.76
N TRP C 38 2.09 2.58 14.13
CA TRP C 38 0.85 2.00 14.62
C TRP C 38 -0.12 1.87 13.46
N GLU C 39 -0.84 0.76 13.42
CA GLU C 39 -1.83 0.48 12.40
C GLU C 39 -3.22 0.79 12.95
N GLU C 40 -3.96 1.64 12.26
CA GLU C 40 -5.28 2.03 12.71
C GLU C 40 -6.31 1.68 11.65
N ALA C 41 -7.48 1.22 12.11
CA ALA C 41 -8.54 0.82 11.19
C ALA C 41 -9.14 2.02 10.48
N ALA C 42 -9.44 3.09 11.22
CA ALA C 42 -10.17 4.21 10.66
C ALA C 42 -9.31 4.95 9.64
N SER C 43 -9.86 5.15 8.45
CA SER C 43 -9.21 5.91 7.40
C SER C 43 -9.98 7.16 6.97
N ALA C 44 -11.29 7.22 7.22
CA ALA C 44 -12.07 8.37 6.81
C ALA C 44 -11.67 9.61 7.60
N GLY C 45 -11.82 10.77 6.96
CA GLY C 45 -11.46 12.03 7.58
C GLY C 45 -9.97 12.31 7.53
N PRO C 48 -2.72 12.30 6.52
CA PRO C 48 -1.37 12.28 7.12
C PRO C 48 -1.21 13.32 8.23
N GLY C 49 -1.86 14.47 8.09
CA GLY C 49 -1.77 15.52 9.07
C GLY C 49 -2.82 15.41 10.17
N GLN C 50 -3.44 14.23 10.26
CA GLN C 50 -4.49 14.02 11.26
C GLN C 50 -3.90 13.90 12.67
N TYR C 51 -2.66 13.43 12.79
CA TYR C 51 -2.03 13.19 14.08
C TYR C 51 -0.69 13.93 14.15
N SER C 52 -0.25 14.18 15.37
CA SER C 52 1.01 14.86 15.63
C SER C 52 1.83 14.03 16.60
N PHE C 53 3.06 13.70 16.20
CA PHE C 53 3.97 12.88 17.00
C PHE C 53 4.90 13.80 17.79
N SER C 54 4.93 13.62 19.11
CA SER C 54 5.76 14.42 20.00
C SER C 54 6.64 13.51 20.85
N TYR C 55 7.92 13.85 20.95
CA TYR C 55 8.86 13.08 21.76
C TYR C 55 9.72 14.05 22.56
N GLN C 56 10.15 13.59 23.73
CA GLN C 56 10.94 14.43 24.63
C GLN C 56 11.97 13.57 25.35
N LEU C 57 13.21 14.06 25.41
CA LEU C 57 14.31 13.39 26.08
C LEU C 57 14.45 13.91 27.50
N GLU C 58 15.42 13.36 28.24
CA GLU C 58 15.66 13.79 29.60
C GLU C 58 16.42 15.11 29.59
N ASP C 59 15.92 16.08 30.36
CA ASP C 59 16.53 17.42 30.45
C ASP C 59 16.59 18.07 29.06
N GLU C 60 15.54 17.89 28.28
CA GLU C 60 15.48 18.37 26.91
C GLU C 60 14.05 18.82 26.60
N PRO C 61 13.89 19.74 25.65
CA PRO C 61 12.54 20.22 25.33
C PRO C 61 11.79 19.26 24.43
N TRP C 62 10.48 19.47 24.38
CA TRP C 62 9.61 18.64 23.55
C TRP C 62 9.82 18.97 22.08
N LYS C 63 9.94 17.92 21.25
CA LYS C 63 10.09 18.07 19.82
C LYS C 63 9.04 17.24 19.10
N LEU C 64 8.85 17.52 17.82
CA LEU C 64 7.86 16.85 16.99
C LEU C 64 8.53 16.15 15.82
N CYS C 65 8.05 14.95 15.50
CA CYS C 65 8.59 14.14 14.42
C CYS C 65 7.70 14.18 13.19
N ARG C 66 8.30 13.96 12.03
CA ARG C 66 7.55 13.95 10.78
C ARG C 66 6.77 12.65 10.66
N LEU C 67 5.46 12.76 10.51
CA LEU C 67 4.60 11.59 10.40
C LEU C 67 4.39 11.22 8.93
N HIS C 68 4.48 9.92 8.65
CA HIS C 68 4.31 9.39 7.30
C HIS C 68 3.12 8.43 7.30
N GLN C 69 2.27 8.57 6.28
CA GLN C 69 1.10 7.72 6.11
C GLN C 69 1.36 6.70 5.01
N ALA C 70 1.10 5.42 5.31
CA ALA C 70 1.30 4.35 4.36
C ALA C 70 0.18 3.31 4.54
N PRO C 71 -0.52 2.94 3.48
CA PRO C 71 -1.57 1.92 3.61
C PRO C 71 -0.99 0.51 3.59
N THR C 72 -1.54 -0.34 4.45
CA THR C 72 -1.06 -1.71 4.57
C THR C 72 -2.20 -2.60 5.05
N ALA C 73 -1.95 -3.91 5.03
CA ALA C 73 -2.90 -4.95 5.48
C ALA C 73 -4.17 -4.81 4.64
N ARG C 74 -5.35 -4.96 5.23
CA ARG C 74 -6.63 -4.87 4.51
C ARG C 74 -7.37 -3.62 4.99
N GLY C 75 -7.50 -2.64 4.09
CA GLY C 75 -8.20 -1.41 4.42
C GLY C 75 -7.70 -0.72 5.67
N ALA C 76 -6.39 -0.72 5.87
CA ALA C 76 -5.77 -0.09 7.03
C ALA C 76 -4.66 0.84 6.60
N VAL C 77 -4.36 1.80 7.45
CA VAL C 77 -3.30 2.78 7.22
C VAL C 77 -2.34 2.73 8.40
N ARG C 78 -1.04 2.71 8.10
CA ARG C 78 0.02 2.63 9.11
C ARG C 78 0.73 3.97 9.16
N PHE C 79 0.53 4.72 10.25
CA PHE C 79 1.24 5.96 10.48
C PHE C 79 2.54 5.65 11.22
N TRP C 80 3.67 6.02 10.62
CA TRP C 80 4.97 5.74 11.21
C TRP C 80 5.85 6.98 11.13
N CYS C 81 6.76 7.09 12.11
CA CYS C 81 7.71 8.17 12.21
C CYS C 81 9.08 7.62 12.56
N SER C 82 10.11 8.18 11.96
CA SER C 82 11.49 7.77 12.22
C SER C 82 12.20 8.92 12.92
N LEU C 83 12.55 8.72 14.19
CA LEU C 83 13.19 9.75 14.96
C LEU C 83 14.59 10.04 14.43
N PRO C 84 15.07 11.27 14.57
CA PRO C 84 16.41 11.61 14.07
C PRO C 84 17.48 10.80 14.78
N THR C 85 18.51 10.42 14.02
CA THR C 85 19.59 9.60 14.57
C THR C 85 20.33 10.32 15.69
N ALA C 86 20.43 11.65 15.61
CA ALA C 86 21.16 12.39 16.64
C ALA C 86 20.41 12.42 17.95
N ASP C 87 19.08 12.45 17.91
CA ASP C 87 18.27 12.45 19.12
C ASP C 87 18.19 11.08 19.77
N THR C 88 18.57 10.02 19.07
CA THR C 88 18.50 8.68 19.63
C THR C 88 19.57 8.53 20.72
N SER C 89 19.14 8.08 21.89
CA SER C 89 20.07 7.86 23.00
C SER C 89 19.56 6.73 23.88
N SER C 90 20.41 5.72 24.10
CA SER C 90 20.01 4.56 24.87
C SER C 90 20.14 4.85 26.37
N PHE C 91 19.47 4.02 27.18
CA PHE C 91 19.49 4.12 28.63
C PHE C 91 18.88 5.44 29.12
N VAL C 92 17.93 5.99 28.36
CA VAL C 92 17.31 7.26 28.72
C VAL C 92 15.79 7.15 28.53
N PRO C 93 14.99 7.63 29.48
CA PRO C 93 13.53 7.57 29.30
C PRO C 93 13.07 8.52 28.21
N LEU C 94 12.34 7.98 27.24
CA LEU C 94 11.82 8.73 26.10
C LEU C 94 10.30 8.79 26.22
N GLU C 95 9.77 9.98 26.44
CA GLU C 95 8.32 10.16 26.56
C GLU C 95 7.74 10.47 25.19
N LEU C 96 6.83 9.61 24.72
CA LEU C 96 6.17 9.77 23.44
C LEU C 96 4.70 10.10 23.66
N ARG C 97 4.17 10.96 22.80
CA ARG C 97 2.75 11.34 22.87
C ARG C 97 2.23 11.60 21.47
N VAL C 98 1.21 10.86 21.08
CA VAL C 98 0.53 11.05 19.80
C VAL C 98 -0.78 11.79 20.08
N THR C 99 -0.92 12.98 19.49
CA THR C 99 -2.08 13.82 19.72
C THR C 99 -2.86 13.98 18.41
N ALA C 100 -4.19 14.01 18.54
CA ALA C 100 -5.05 14.14 17.38
C ALA C 100 -5.06 15.58 16.88
N ALA C 101 -5.69 15.79 15.72
CA ALA C 101 -5.77 17.12 15.13
C ALA C 101 -6.48 18.10 16.07
N SER C 102 -7.57 17.67 16.70
CA SER C 102 -8.29 18.52 17.63
C SER C 102 -7.59 18.65 18.97
N GLY C 103 -6.75 17.68 19.34
CA GLY C 103 -6.06 17.70 20.61
C GLY C 103 -6.44 16.51 21.48
N ALA C 104 -7.03 15.50 20.86
CA ALA C 104 -7.51 14.32 21.58
C ALA C 104 -6.35 13.34 21.85
N PRO C 105 -6.43 12.57 22.93
CA PRO C 105 -5.35 11.63 23.25
C PRO C 105 -5.43 10.38 22.38
N ARG C 106 -4.32 10.05 21.73
CA ARG C 106 -4.20 8.85 20.91
C ARG C 106 -3.29 7.81 21.54
N TYR C 107 -2.05 8.19 21.86
CA TYR C 107 -1.10 7.28 22.49
C TYR C 107 -0.23 8.06 23.45
N HIS C 108 0.25 7.37 24.49
CA HIS C 108 1.15 7.97 25.47
C HIS C 108 1.98 6.85 26.09
N ARG C 109 3.29 6.85 25.84
CA ARG C 109 4.16 5.79 26.32
C ARG C 109 5.51 6.37 26.68
N VAL C 110 6.15 5.75 27.68
CA VAL C 110 7.50 6.08 28.10
C VAL C 110 8.33 4.80 27.98
N ILE C 111 9.22 4.75 27.00
CA ILE C 111 10.00 3.56 26.72
C ILE C 111 11.48 3.91 26.74
N HIS C 112 12.31 2.88 26.92
CA HIS C 112 13.75 3.00 26.83
C HIS C 112 14.22 2.31 25.55
N ILE C 113 15.07 3.00 24.79
CA ILE C 113 15.49 2.49 23.48
C ILE C 113 16.17 1.14 23.62
N ASN C 114 16.95 0.95 24.68
CA ASN C 114 17.66 -0.30 24.90
C ASN C 114 16.74 -1.47 25.23
N GLU C 115 15.46 -1.21 25.51
CA GLU C 115 14.52 -2.26 25.88
C GLU C 115 13.61 -2.67 24.73
N VAL C 116 13.71 -2.03 23.56
CA VAL C 116 12.85 -2.35 22.43
C VAL C 116 13.69 -2.69 21.22
N VAL C 117 14.77 -3.44 21.43
CA VAL C 117 15.68 -3.79 20.35
C VAL C 117 15.11 -4.99 19.58
N LEU C 118 15.05 -4.86 18.26
CA LEU C 118 14.63 -5.93 17.37
C LEU C 118 15.75 -6.13 16.35
N LEU C 119 16.61 -7.13 16.60
CA LEU C 119 17.78 -7.33 15.77
C LEU C 119 17.41 -7.99 14.44
N ASP C 120 18.40 -8.04 13.55
CA ASP C 120 18.25 -8.71 12.27
C ASP C 120 18.60 -10.19 12.40
N ALA C 121 18.24 -10.96 11.38
CA ALA C 121 18.51 -12.39 11.41
C ALA C 121 20.01 -12.65 11.26
N PRO C 122 20.55 -13.61 12.02
CA PRO C 122 21.97 -13.94 11.87
C PRO C 122 22.26 -14.57 10.52
N VAL C 123 23.55 -14.56 10.16
CA VAL C 123 24.01 -15.07 8.88
C VAL C 123 25.18 -16.02 9.12
N GLY C 124 25.59 -16.69 8.05
CA GLY C 124 26.74 -17.58 8.11
C GLY C 124 26.51 -18.85 8.89
N LEU C 125 25.31 -19.42 8.81
CA LEU C 125 25.00 -20.65 9.54
C LEU C 125 25.65 -21.83 8.84
N VAL C 126 26.48 -22.57 9.57
CA VAL C 126 27.21 -23.71 9.03
C VAL C 126 27.06 -24.88 9.99
N ALA C 127 26.58 -26.02 9.48
CA ALA C 127 26.42 -27.23 10.27
C ALA C 127 27.47 -28.25 9.86
N ARG C 128 28.10 -28.89 10.85
CA ARG C 128 29.16 -29.85 10.61
C ARG C 128 28.98 -31.04 11.54
N LEU C 129 29.27 -32.23 11.04
CA LEU C 129 29.19 -33.45 11.83
C LEU C 129 30.50 -33.65 12.58
N ALA C 130 30.41 -33.75 13.91
CA ALA C 130 31.59 -33.96 14.74
C ALA C 130 31.88 -35.46 14.89
N ASP C 131 33.15 -35.82 14.75
CA ASP C 131 33.58 -37.21 14.86
C ASP C 131 33.63 -37.71 16.30
N GLU C 132 33.50 -36.82 17.29
CA GLU C 132 33.65 -37.19 18.69
C GLU C 132 32.28 -37.49 19.30
N SER C 133 32.19 -37.45 20.64
CA SER C 133 30.91 -37.63 21.32
C SER C 133 29.91 -36.55 20.96
N GLY C 134 30.38 -35.41 20.46
CA GLY C 134 29.46 -34.39 19.99
C GLY C 134 28.66 -34.89 18.80
N HIS C 135 27.45 -34.34 18.65
CA HIS C 135 26.57 -34.76 17.57
C HIS C 135 26.81 -33.90 16.34
N VAL C 136 26.22 -32.71 16.33
CA VAL C 136 26.36 -31.75 15.24
C VAL C 136 26.93 -30.46 15.80
N VAL C 137 27.87 -29.86 15.08
CA VAL C 137 28.51 -28.61 15.50
C VAL C 137 27.95 -27.50 14.61
N LEU C 138 27.28 -26.54 15.23
CA LEU C 138 26.70 -25.41 14.53
C LEU C 138 27.53 -24.17 14.79
N ARG C 139 27.83 -23.42 13.74
CA ARG C 139 28.59 -22.18 13.83
C ARG C 139 27.90 -21.12 12.99
N TRP C 140 27.64 -19.96 13.58
CA TRP C 140 26.94 -18.88 12.91
C TRP C 140 27.61 -17.56 13.26
N LEU C 141 27.21 -16.50 12.55
CA LEU C 141 27.73 -15.17 12.77
C LEU C 141 26.61 -14.23 13.19
N PRO C 142 26.92 -13.19 13.95
CA PRO C 142 25.88 -12.23 14.38
C PRO C 142 25.33 -11.47 13.18
N PRO C 143 24.19 -10.79 13.34
CA PRO C 143 23.63 -10.01 12.23
C PRO C 143 24.62 -8.98 11.73
N PRO C 144 24.65 -8.72 10.43
CA PRO C 144 25.69 -7.85 9.87
C PRO C 144 25.59 -6.42 10.37
N GLU C 145 26.76 -5.84 10.68
CA GLU C 145 26.89 -4.45 11.10
C GLU C 145 25.89 -4.10 12.20
N THR C 146 26.08 -4.75 13.35
CA THR C 146 25.24 -4.55 14.52
C THR C 146 26.15 -4.41 15.74
N PRO C 147 26.01 -3.34 16.52
CA PRO C 147 26.90 -3.13 17.67
C PRO C 147 26.51 -4.03 18.82
N MET C 148 27.33 -3.97 19.88
CA MET C 148 27.16 -4.78 21.09
C MET C 148 27.14 -6.27 20.75
N THR C 149 28.21 -6.71 20.08
CA THR C 149 28.31 -8.10 19.66
C THR C 149 28.34 -9.05 20.86
N SER C 150 29.04 -8.67 21.92
CA SER C 150 29.21 -9.54 23.07
C SER C 150 27.95 -9.68 23.92
N HIS C 151 26.87 -8.97 23.61
CA HIS C 151 25.67 -9.00 24.43
C HIS C 151 24.48 -9.60 23.70
N ILE C 152 24.71 -10.29 22.59
CA ILE C 152 23.63 -10.90 21.82
C ILE C 152 23.42 -12.32 22.30
N ARG C 153 22.17 -12.68 22.57
CA ARG C 153 21.80 -14.02 22.96
C ARG C 153 21.13 -14.73 21.78
N TYR C 154 21.36 -16.03 21.67
CA TYR C 154 20.90 -16.81 20.53
C TYR C 154 20.02 -17.96 20.97
N GLU C 155 19.38 -18.60 19.98
CA GLU C 155 18.50 -19.74 20.21
C GLU C 155 18.39 -20.51 18.89
N VAL C 156 18.78 -21.77 18.91
CA VAL C 156 18.75 -22.61 17.71
C VAL C 156 17.48 -23.44 17.72
N ASP C 157 17.00 -23.75 16.51
CA ASP C 157 15.78 -24.54 16.33
C ASP C 157 16.13 -25.82 15.61
N VAL C 158 15.97 -26.95 16.30
CA VAL C 158 16.23 -28.27 15.74
C VAL C 158 14.91 -28.80 15.22
N SER C 159 14.75 -28.81 13.90
CA SER C 159 13.51 -29.25 13.26
C SER C 159 13.68 -30.64 12.69
N ALA C 160 12.65 -31.47 12.87
CA ALA C 160 12.65 -32.81 12.30
C ALA C 160 12.21 -32.76 10.84
N GLY C 161 12.87 -33.53 10.00
CA GLY C 161 12.57 -33.51 8.58
C GLY C 161 11.19 -34.04 8.26
N GLN C 162 10.88 -35.24 8.73
CA GLN C 162 9.62 -35.89 8.41
C GLN C 162 8.51 -35.37 9.32
N GLY C 163 7.36 -35.05 8.73
CA GLY C 163 6.19 -34.62 9.49
C GLY C 163 6.40 -33.30 10.21
N ALA C 164 5.67 -33.14 11.31
CA ALA C 164 5.72 -31.92 12.11
C ALA C 164 7.02 -31.90 12.91
N GLY C 165 7.93 -30.98 12.56
CA GLY C 165 9.21 -30.91 13.22
C GLY C 165 9.37 -29.72 14.13
N SER C 166 9.30 -29.98 15.44
CA SER C 166 9.53 -28.95 16.45
C SER C 166 10.08 -29.57 17.72
N VAL C 167 11.04 -30.49 17.56
CA VAL C 167 11.45 -31.34 18.68
C VAL C 167 12.22 -30.55 19.72
N GLN C 168 13.18 -29.72 19.29
CA GLN C 168 14.11 -29.10 20.22
C GLN C 168 14.33 -27.63 19.89
N ARG C 169 14.48 -26.83 20.94
CA ARG C 169 14.86 -25.42 20.83
C ARG C 169 15.83 -25.14 21.96
N VAL C 170 17.10 -24.91 21.63
CA VAL C 170 18.18 -24.78 22.59
C VAL C 170 18.57 -23.32 22.70
N GLU C 171 18.67 -22.82 23.93
CA GLU C 171 19.12 -21.46 24.19
C GLU C 171 20.63 -21.44 24.32
N ILE C 172 21.27 -20.54 23.57
CA ILE C 172 22.72 -20.41 23.57
C ILE C 172 23.11 -19.33 24.55
N LEU C 173 24.19 -19.56 25.30
CA LEU C 173 24.65 -18.57 26.27
C LEU C 173 25.14 -17.32 25.55
N GLU C 174 24.99 -16.18 26.23
CA GLU C 174 25.35 -14.90 25.64
C GLU C 174 26.84 -14.84 25.36
N GLY C 175 27.20 -14.34 24.18
CA GLY C 175 28.57 -14.10 23.80
C GLY C 175 29.18 -15.13 22.88
N ARG C 176 28.68 -16.36 22.86
CA ARG C 176 29.21 -17.40 22.00
C ARG C 176 28.33 -17.58 20.77
N THR C 177 28.96 -17.84 19.62
CA THR C 177 28.29 -17.96 18.35
C THR C 177 28.36 -19.38 17.77
N GLU C 178 28.58 -20.37 18.63
CA GLU C 178 28.64 -21.76 18.18
C GLU C 178 28.17 -22.67 19.31
N CYS C 179 27.69 -23.85 18.92
CA CYS C 179 27.17 -24.79 19.90
C CYS C 179 27.38 -26.22 19.41
N VAL C 180 27.39 -27.14 20.38
CA VAL C 180 27.49 -28.58 20.13
C VAL C 180 26.20 -29.20 20.67
N LEU C 181 25.39 -29.74 19.77
CA LEU C 181 24.07 -30.25 20.12
C LEU C 181 24.14 -31.70 20.59
N SER C 182 23.18 -32.07 21.43
CA SER C 182 23.07 -33.42 21.97
C SER C 182 21.63 -33.91 21.84
N ASN C 183 21.46 -35.21 22.06
CA ASN C 183 20.14 -35.86 22.08
C ASN C 183 19.41 -35.68 20.75
N LEU C 184 20.02 -36.20 19.68
CA LEU C 184 19.40 -36.25 18.37
C LEU C 184 19.49 -37.67 17.84
N ARG C 185 18.39 -38.13 17.24
CA ARG C 185 18.34 -39.49 16.71
C ARG C 185 19.13 -39.58 15.41
N GLY C 186 19.79 -40.73 15.22
CA GLY C 186 20.58 -40.95 14.02
C GLY C 186 19.72 -41.28 12.82
N ARG C 187 20.34 -41.17 11.63
CA ARG C 187 19.68 -41.44 10.36
C ARG C 187 18.44 -40.58 10.17
N THR C 188 18.55 -39.30 10.54
CA THR C 188 17.45 -38.36 10.43
C THR C 188 17.99 -37.04 9.90
N ARG C 189 17.25 -36.45 8.95
CA ARG C 189 17.64 -35.19 8.32
C ARG C 189 17.14 -34.05 9.20
N TYR C 190 18.07 -33.31 9.81
CA TYR C 190 17.76 -32.20 10.69
C TYR C 190 17.98 -30.86 10.00
N THR C 191 17.03 -29.94 10.16
CA THR C 191 17.13 -28.59 9.64
C THR C 191 17.31 -27.62 10.80
N PHE C 192 18.32 -26.77 10.72
CA PHE C 192 18.68 -25.86 11.80
C PHE C 192 18.48 -24.41 11.39
N ALA C 193 18.10 -23.59 12.36
CA ALA C 193 17.99 -22.15 12.20
C ALA C 193 18.19 -21.50 13.55
N VAL C 194 18.80 -20.32 13.56
CA VAL C 194 19.22 -19.66 14.78
C VAL C 194 18.49 -18.34 14.94
N ARG C 195 18.12 -18.03 16.17
CA ARG C 195 17.46 -16.79 16.54
C ARG C 195 18.47 -15.84 17.19
N ALA C 196 18.05 -14.60 17.40
CA ALA C 196 18.92 -13.62 18.03
C ALA C 196 18.09 -12.60 18.80
N ARG C 197 18.61 -12.18 19.95
CA ARG C 197 18.00 -11.12 20.74
C ARG C 197 19.04 -10.57 21.69
N MET C 198 18.78 -9.36 22.19
CA MET C 198 19.68 -8.72 23.14
C MET C 198 19.41 -9.26 24.54
N ALA C 199 20.47 -9.75 25.19
CA ALA C 199 20.31 -10.43 26.47
C ALA C 199 20.05 -9.43 27.60
N GLU C 200 19.33 -9.90 28.62
CA GLU C 200 19.08 -9.12 29.81
C GLU C 200 20.36 -8.95 30.62
N PRO C 201 20.39 -8.01 31.58
CA PRO C 201 19.37 -7.06 32.03
C PRO C 201 19.47 -5.66 31.39
N SER C 202 20.67 -5.28 30.94
CA SER C 202 20.86 -3.96 30.37
C SER C 202 20.08 -3.77 29.08
N PHE C 203 19.84 -4.85 28.34
CA PHE C 203 19.14 -4.79 27.06
C PHE C 203 17.90 -5.66 27.09
N GLY C 204 16.86 -5.20 26.39
CA GLY C 204 15.65 -5.98 26.22
C GLY C 204 15.11 -5.80 24.82
N GLY C 205 14.08 -6.59 24.50
CA GLY C 205 13.48 -6.48 23.18
C GLY C 205 12.72 -7.74 22.82
N PHE C 206 12.75 -8.05 21.52
CA PHE C 206 12.00 -9.17 20.96
C PHE C 206 12.96 -10.10 20.23
N TRP C 207 12.50 -11.32 19.99
CA TRP C 207 13.27 -12.27 19.20
C TRP C 207 13.31 -11.84 17.74
N SER C 208 14.46 -12.02 17.11
CA SER C 208 14.61 -11.67 15.71
C SER C 208 14.08 -12.80 14.82
N ALA C 209 14.04 -12.53 13.52
CA ALA C 209 13.63 -13.54 12.56
C ALA C 209 14.67 -14.66 12.48
N TRP C 210 14.20 -15.83 12.04
CA TRP C 210 15.08 -16.98 11.92
C TRP C 210 16.06 -16.81 10.76
N SER C 211 17.28 -17.31 10.95
CA SER C 211 18.29 -17.28 9.90
C SER C 211 17.93 -18.22 8.76
N GLU C 212 18.71 -18.15 7.69
CA GLU C 212 18.54 -19.06 6.57
C GLU C 212 18.78 -20.50 7.04
N PRO C 213 17.83 -21.41 6.85
CA PRO C 213 17.99 -22.77 7.37
C PRO C 213 19.13 -23.51 6.70
N VAL C 214 19.77 -24.37 7.50
CA VAL C 214 20.86 -25.24 7.03
C VAL C 214 20.53 -26.65 7.48
N SER C 215 20.42 -27.57 6.52
CA SER C 215 20.04 -28.95 6.82
C SER C 215 21.25 -29.88 6.77
N LEU C 216 21.22 -30.89 7.63
CA LEU C 216 22.28 -31.89 7.71
C LEU C 216 21.71 -33.18 8.26
N LEU C 217 22.15 -34.31 7.69
CA LEU C 217 21.70 -35.63 8.12
C LEU C 217 22.77 -36.28 8.98
N THR C 218 22.36 -36.84 10.12
CA THR C 218 23.24 -37.45 11.11
C THR C 218 23.44 -38.94 10.81
N PRO C 219 24.64 -39.45 11.04
CA PRO C 219 24.91 -40.88 10.79
C PRO C 219 24.22 -41.80 11.78
N SER C 220 24.41 -43.10 11.62
CA SER C 220 23.79 -44.07 12.51
C SER C 220 24.69 -44.33 13.72
C1 GOL D . -16.18 1.10 -22.44
O1 GOL D . -15.68 2.10 -23.26
C2 GOL D . -16.79 1.80 -21.20
O2 GOL D . -17.70 2.78 -21.55
C3 GOL D . -17.45 0.64 -20.39
O3 GOL D . -18.04 1.22 -19.26
#